data_8S2Y
#
_entry.id   8S2Y
#
_cell.length_a   63.099
_cell.length_b   99.273
_cell.length_c   87.959
_cell.angle_alpha   90
_cell.angle_beta   100.249
_cell.angle_gamma   90
#
_symmetry.space_group_name_H-M   'P 1 21 1'
#
loop_
_entity.id
_entity.type
_entity.pdbx_description
1 polymer 'Glucose-methanol-choline oxidoreductase N-terminal domain-containing protein'
2 branched 2-acetamido-2-deoxy-beta-D-glucopyranose-(1-4)-2-acetamido-2-deoxy-beta-D-glucopyranose
3 non-polymer 'FLAVIN-ADENINE DINUCLEOTIDE'
4 non-polymer 2-acetamido-2-deoxy-beta-D-glucopyranose
5 non-polymer 'SODIUM ION'
6 non-polymer GLYCEROL
7 non-polymer 'CALCIUM ION'
8 water water
#
_entity_poly.entity_id   1
_entity_poly.type   'polypeptide(L)'
_entity_poly.pdbx_seq_one_letter_code
;MRFPSIFTAVLFAASSALAAPVNTTTEDETAQIPAEAVIGYSDLEGDFDVAVLPFSNSTNNGLLFINTTIASIAAKEEGV
SLEKREAEAEFTWPSRPSRIGTNQLLFSSQAATTPSGFPFAFMTLDGERAAARRYDYIVVGGGAAGCPLAATLSTRYSVL
VLERGGSPYGNPDIQNADAYGKVLLETDNYTSPAQAFISEDGVSSARARVLGGGTAINAGFYSRASSDYVSNAGWDEGLV
EESYEWVEKQNAFKPQHLSPWSSAIRDGLVEAGVLPYNGYTLDHLDGTKISASIFDSKGKRHTAADLLKSANPDNIVVLL
NATVSRVLFNSPAEETKDGSSQKPRASGVEFMDGHGRSYQVFLNESSRSSKDFGQNGSKILEEKPKGPEVILTAGALGSP
QLLLLSGIGPSKHLREFNIPLVLDLPLVGQRIQDNPIASVTCKSHHFYYQQIVGITQFSQNYIEPPSIFVNGSASPHGRN
EYNISIFEKLAFPLSRGELRLRSRDPRDNPSVRYNYYSHPLDFERCVQGVRVIAQLLNTPSLRRSNASCFHGSPINMSDD
AAMAQICRDTLSTVWHYHGGCEVGYVVNERYQVNGVDNLRIVDGSTYRDSPGTNPQATTMMLGRYMGVKILQEQAECLEQ
KLISEEDLNSAVDHHHHHH
;
_entity_poly.pdbx_strand_id   A,B
#
# COMPACT_ATOMS: atom_id res chain seq x y z
N PHE A 118 21.66 12.37 38.72
CA PHE A 118 20.42 11.54 38.57
C PHE A 118 19.22 12.33 39.11
N PRO A 119 18.26 12.75 38.27
CA PRO A 119 17.12 13.52 38.75
C PRO A 119 16.06 12.73 39.50
N PHE A 120 16.11 11.40 39.42
CA PHE A 120 15.16 10.56 40.15
C PHE A 120 15.92 9.79 41.22
N ALA A 121 15.34 9.76 42.42
CA ALA A 121 16.06 9.24 43.58
C ALA A 121 16.17 7.72 43.48
N PHE A 122 15.28 7.11 42.69
CA PHE A 122 15.25 5.66 42.57
C PHE A 122 16.23 5.14 41.50
N MET A 123 16.93 6.03 40.80
CA MET A 123 18.00 5.60 39.91
C MET A 123 19.23 5.22 40.74
N THR A 124 19.90 4.12 40.39
CA THR A 124 20.96 3.58 41.23
C THR A 124 21.98 2.82 40.36
N LEU A 125 23.23 2.69 40.86
CA LEU A 125 24.26 1.84 40.27
C LEU A 125 24.55 0.61 41.15
N ASP A 126 23.83 0.47 42.27
CA ASP A 126 24.15 -0.54 43.29
C ASP A 126 23.44 -1.85 42.96
N GLY A 127 24.10 -2.71 42.15
CA GLY A 127 23.46 -3.94 41.71
C GLY A 127 23.25 -4.95 42.83
N GLU A 128 24.19 -5.00 43.79
CA GLU A 128 24.04 -5.88 44.95
C GLU A 128 22.72 -5.58 45.70
N ARG A 129 22.54 -4.30 46.02
CA ARG A 129 21.36 -3.88 46.77
C ARG A 129 20.09 -4.11 45.94
N ALA A 130 20.13 -3.79 44.63
CA ALA A 130 18.99 -4.00 43.76
C ALA A 130 18.61 -5.48 43.68
N ALA A 131 19.61 -6.35 43.60
CA ALA A 131 19.35 -7.78 43.41
C ALA A 131 19.01 -8.50 44.72
N ALA A 132 19.19 -7.84 45.86
CA ALA A 132 18.87 -8.48 47.14
C ALA A 132 17.35 -8.47 47.39
N ARG A 133 16.61 -7.61 46.70
CA ARG A 133 15.16 -7.46 46.84
C ARG A 133 14.44 -8.32 45.78
N ARG A 134 13.16 -8.64 46.02
CA ARG A 134 12.34 -9.24 44.96
C ARG A 134 11.34 -8.19 44.47
N TYR A 135 10.75 -8.43 43.29
CA TYR A 135 9.91 -7.44 42.61
C TYR A 135 8.72 -8.12 41.95
N ASP A 136 7.60 -7.38 41.84
CA ASP A 136 6.44 -7.87 41.09
C ASP A 136 6.77 -7.96 39.60
N TYR A 137 7.51 -6.96 39.09
CA TYR A 137 7.84 -6.93 37.67
C TYR A 137 9.33 -6.61 37.50
N ILE A 138 9.96 -7.35 36.57
CA ILE A 138 11.33 -7.01 36.20
C ILE A 138 11.27 -6.63 34.72
N VAL A 139 11.61 -5.36 34.46
CA VAL A 139 11.54 -4.85 33.11
C VAL A 139 12.98 -4.71 32.60
N VAL A 140 13.28 -5.43 31.51
CA VAL A 140 14.64 -5.45 31.03
C VAL A 140 14.74 -4.47 29.86
N GLY A 141 15.49 -3.38 30.07
CA GLY A 141 15.72 -2.38 29.03
C GLY A 141 14.89 -1.12 29.30
N GLY A 142 15.56 -0.02 29.69
CA GLY A 142 14.82 1.19 30.02
C GLY A 142 14.75 2.14 28.84
N GLY A 143 14.10 1.67 27.76
CA GLY A 143 14.05 2.39 26.50
C GLY A 143 12.67 3.00 26.23
N ALA A 144 12.30 3.07 24.94
CA ALA A 144 11.09 3.77 24.53
C ALA A 144 9.85 3.08 25.11
N ALA A 145 9.77 1.74 25.06
CA ALA A 145 8.66 0.99 25.64
C ALA A 145 8.86 0.81 27.15
N GLY A 146 10.10 0.52 27.57
CA GLY A 146 10.39 0.10 28.94
C GLY A 146 10.07 1.18 29.99
N CYS A 147 10.39 2.45 29.69
CA CYS A 147 10.21 3.50 30.68
C CYS A 147 8.73 3.69 31.03
N PRO A 148 7.82 3.97 30.05
CA PRO A 148 6.40 4.20 30.38
C PRO A 148 5.76 2.92 30.95
N LEU A 149 6.18 1.74 30.46
CA LEU A 149 5.69 0.49 30.99
C LEU A 149 5.96 0.41 32.51
N ALA A 150 7.26 0.59 32.87
CA ALA A 150 7.67 0.48 34.26
C ALA A 150 7.01 1.56 35.11
N ALA A 151 6.95 2.81 34.58
CA ALA A 151 6.32 3.90 35.32
C ALA A 151 4.87 3.53 35.67
N THR A 152 4.13 2.98 34.69
CA THR A 152 2.71 2.66 34.86
C THR A 152 2.56 1.53 35.89
N LEU A 153 3.32 0.45 35.72
CA LEU A 153 3.25 -0.67 36.64
C LEU A 153 3.54 -0.25 38.08
N SER A 154 4.45 0.71 38.25
CA SER A 154 4.97 1.07 39.58
C SER A 154 3.90 1.74 40.45
N THR A 155 2.82 2.21 39.81
CA THR A 155 1.78 2.91 40.56
C THR A 155 1.10 1.92 41.53
N ARG A 156 1.10 0.64 41.17
CA ARG A 156 0.49 -0.37 42.03
C ARG A 156 1.45 -1.45 42.52
N TYR A 157 2.55 -1.71 41.77
CA TYR A 157 3.37 -2.89 42.05
C TYR A 157 4.84 -2.50 42.14
N SER A 158 5.68 -3.38 42.71
CA SER A 158 7.12 -3.11 42.78
C SER A 158 7.73 -3.47 41.42
N VAL A 159 8.64 -2.63 40.94
CA VAL A 159 9.18 -2.81 39.60
C VAL A 159 10.69 -2.61 39.68
N LEU A 160 11.48 -3.49 39.07
CA LEU A 160 12.89 -3.18 38.80
C LEU A 160 13.10 -3.01 37.29
N VAL A 161 13.70 -1.89 36.91
CA VAL A 161 14.12 -1.70 35.54
C VAL A 161 15.64 -1.97 35.52
N LEU A 162 16.09 -2.81 34.58
CA LEU A 162 17.51 -3.01 34.38
C LEU A 162 17.87 -2.43 33.01
N GLU A 163 18.78 -1.47 33.04
CA GLU A 163 19.20 -0.78 31.84
C GLU A 163 20.73 -0.94 31.72
N ARG A 164 21.16 -1.43 30.56
CA ARG A 164 22.58 -1.75 30.36
C ARG A 164 23.42 -0.48 30.29
N GLY A 165 22.82 0.63 29.82
CA GLY A 165 23.58 1.88 29.66
C GLY A 165 23.47 2.79 30.88
N GLY A 166 23.96 4.04 30.69
CA GLY A 166 24.00 5.02 31.77
C GLY A 166 22.80 5.97 31.71
N SER A 167 22.94 7.14 32.33
CA SER A 167 21.88 8.13 32.40
C SER A 167 21.96 9.08 31.22
N PRO A 168 20.82 9.53 30.63
CA PRO A 168 20.85 10.52 29.55
C PRO A 168 21.02 11.95 30.04
N TYR A 169 20.84 12.16 31.37
CA TYR A 169 20.75 13.48 31.97
C TYR A 169 22.15 14.07 32.11
N GLY A 170 22.28 15.37 31.84
CA GLY A 170 23.54 16.09 31.97
C GLY A 170 24.51 15.70 30.86
N ASN A 171 23.99 15.22 29.72
CA ASN A 171 24.80 14.90 28.56
C ASN A 171 24.38 15.81 27.40
N PRO A 172 25.17 16.86 27.10
CA PRO A 172 24.83 17.79 26.03
C PRO A 172 24.55 17.12 24.68
N ASP A 173 25.20 15.99 24.40
CA ASP A 173 25.06 15.28 23.13
C ASP A 173 23.66 14.65 23.02
N ILE A 174 22.95 14.57 24.15
CA ILE A 174 21.61 14.02 24.25
C ILE A 174 20.62 15.17 24.43
N GLN A 175 20.89 16.12 25.35
CA GLN A 175 19.93 17.19 25.65
C GLN A 175 19.72 18.10 24.44
N ASN A 176 20.78 18.37 23.65
CA ASN A 176 20.71 19.37 22.59
C ASN A 176 20.30 18.74 21.26
N ALA A 177 19.15 19.18 20.73
CA ALA A 177 18.68 18.70 19.43
C ALA A 177 19.77 18.85 18.37
N ASP A 178 20.49 20.00 18.39
CA ASP A 178 21.46 20.32 17.34
C ASP A 178 22.71 19.47 17.43
N ALA A 179 22.79 18.61 18.46
CA ALA A 179 23.87 17.63 18.57
C ALA A 179 23.45 16.29 17.96
N TYR A 180 22.21 16.19 17.44
CA TYR A 180 21.70 14.94 16.89
C TYR A 180 22.67 14.38 15.87
N GLY A 181 23.17 13.16 16.12
CA GLY A 181 24.08 12.44 15.25
C GLY A 181 25.51 12.36 15.79
N LYS A 182 25.86 13.26 16.71
CA LYS A 182 27.22 13.29 17.25
C LYS A 182 27.57 11.94 17.90
N VAL A 183 26.64 11.39 18.71
CA VAL A 183 26.89 10.15 19.46
C VAL A 183 27.19 9.01 18.49
N LEU A 184 26.64 9.12 17.27
CA LEU A 184 26.74 8.04 16.30
C LEU A 184 28.17 7.94 15.76
N LEU A 185 28.96 9.00 15.97
CA LEU A 185 30.32 9.10 15.47
C LEU A 185 31.34 8.76 16.55
N GLU A 186 30.87 8.52 17.80
CA GLU A 186 31.76 8.41 18.94
C GLU A 186 31.48 7.12 19.69
N THR A 187 31.11 6.05 18.98
CA THR A 187 30.73 4.82 19.66
C THR A 187 31.98 4.09 20.13
N ASP A 188 31.83 3.23 21.14
CA ASP A 188 32.90 2.33 21.60
C ASP A 188 32.31 0.94 21.78
N ASN A 189 33.12 -0.02 22.24
CA ASN A 189 32.60 -1.38 22.25
C ASN A 189 31.46 -1.55 23.25
N TYR A 190 31.61 -0.95 24.45
CA TYR A 190 30.82 -1.40 25.60
C TYR A 190 30.14 -0.30 26.41
N THR A 191 30.51 0.98 26.23
CA THR A 191 30.07 1.97 27.21
C THR A 191 29.30 3.16 26.59
N SER A 192 29.50 3.47 25.30
CA SER A 192 28.98 4.70 24.70
C SER A 192 27.46 4.66 24.59
N PRO A 193 26.76 5.81 24.64
CA PRO A 193 25.30 5.81 24.55
C PRO A 193 24.69 5.32 23.23
N ALA A 194 25.45 5.38 22.11
CA ALA A 194 25.09 4.63 20.92
C ALA A 194 26.06 3.46 20.76
N GLN A 195 25.52 2.30 20.37
CA GLN A 195 26.32 1.13 20.01
C GLN A 195 26.17 0.89 18.52
N ALA A 196 27.29 0.98 17.79
CA ALA A 196 27.26 0.75 16.35
C ALA A 196 27.04 -0.74 16.11
N PHE A 197 26.43 -1.06 14.96
CA PHE A 197 26.48 -2.40 14.44
C PHE A 197 26.46 -2.32 12.92
N ILE A 198 26.78 -3.44 12.26
CA ILE A 198 26.65 -3.49 10.80
C ILE A 198 25.93 -4.78 10.46
N SER A 199 24.90 -4.69 9.60
CA SER A 199 24.16 -5.90 9.24
C SER A 199 25.05 -6.79 8.37
N GLU A 200 24.69 -8.07 8.24
CA GLU A 200 25.44 -9.02 7.42
C GLU A 200 25.40 -8.60 5.95
N ASP A 201 24.49 -7.68 5.60
CA ASP A 201 24.35 -7.14 4.26
C ASP A 201 25.41 -6.06 4.02
N GLY A 202 26.06 -5.58 5.08
CA GLY A 202 27.06 -4.52 4.95
C GLY A 202 26.50 -3.13 5.26
N VAL A 203 25.28 -3.02 5.84
CA VAL A 203 24.67 -1.71 6.04
C VAL A 203 24.86 -1.30 7.51
N SER A 204 25.59 -0.19 7.70
CA SER A 204 25.97 0.31 9.02
C SER A 204 24.74 0.87 9.72
N SER A 205 24.72 0.72 11.05
CA SER A 205 23.56 1.16 11.82
C SER A 205 23.98 1.40 13.26
N ALA A 206 23.00 1.62 14.15
CA ALA A 206 23.31 1.82 15.55
C ALA A 206 22.04 1.58 16.36
N ARG A 207 22.24 1.27 17.65
CA ARG A 207 21.12 1.15 18.59
C ARG A 207 21.53 1.85 19.89
N ALA A 208 20.55 2.30 20.67
CA ALA A 208 20.84 3.03 21.88
C ALA A 208 21.38 2.09 22.97
N ARG A 209 22.18 2.67 23.85
N ARG A 209 22.18 2.67 23.85
CA ARG A 209 22.68 2.02 25.06
CA ARG A 209 22.68 2.02 25.06
C ARG A 209 22.72 3.07 26.16
C ARG A 209 22.72 3.07 26.16
N VAL A 210 21.54 3.49 26.60
CA VAL A 210 21.39 4.56 27.59
C VAL A 210 19.92 4.52 28.04
N LEU A 211 19.68 4.92 29.29
CA LEU A 211 18.29 5.03 29.76
C LEU A 211 17.54 6.05 28.87
N GLY A 212 16.30 5.69 28.47
CA GLY A 212 15.60 6.42 27.42
C GLY A 212 15.66 5.72 26.06
N GLY A 213 16.63 4.80 25.89
CA GLY A 213 16.69 4.03 24.64
C GLY A 213 16.89 4.93 23.40
N GLY A 214 16.27 4.53 22.29
CA GLY A 214 16.41 5.24 21.02
C GLY A 214 15.99 6.71 21.14
N THR A 215 15.07 7.02 22.08
CA THR A 215 14.59 8.40 22.25
C THR A 215 15.70 9.33 22.70
N ALA A 216 16.83 8.78 23.21
CA ALA A 216 17.95 9.62 23.63
C ALA A 216 18.84 10.00 22.46
N ILE A 217 18.78 9.26 21.34
CA ILE A 217 19.75 9.45 20.29
C ILE A 217 19.11 9.64 18.92
N ASN A 218 17.76 9.69 18.85
CA ASN A 218 17.06 9.70 17.57
C ASN A 218 16.86 11.12 17.02
N ALA A 219 16.26 11.20 15.82
CA ALA A 219 16.02 12.48 15.13
C ALA A 219 14.79 13.19 15.69
N GLY A 220 14.16 12.59 16.73
CA GLY A 220 13.15 13.31 17.51
C GLY A 220 11.74 13.35 16.91
N PHE A 221 11.55 12.86 15.67
CA PHE A 221 10.29 13.04 14.95
C PHE A 221 9.21 12.15 15.59
N TYR A 222 8.00 12.70 15.76
CA TYR A 222 6.92 12.10 16.55
C TYR A 222 5.67 12.05 15.67
N SER A 223 5.19 10.83 15.35
CA SER A 223 4.02 10.67 14.48
C SER A 223 3.38 9.33 14.79
N ARG A 224 2.04 9.30 14.90
CA ARG A 224 1.30 8.11 15.37
C ARG A 224 1.09 7.07 14.27
N ALA A 225 0.76 5.82 14.70
CA ALA A 225 0.36 4.81 13.75
C ALA A 225 -1.01 5.13 13.16
N SER A 226 -1.25 4.64 11.94
CA SER A 226 -2.55 4.79 11.28
C SER A 226 -3.63 3.98 11.97
N SER A 227 -4.90 4.36 11.71
CA SER A 227 -6.02 3.58 12.24
C SER A 227 -6.01 2.17 11.65
N ASP A 228 -5.57 2.01 10.39
CA ASP A 228 -5.44 0.68 9.80
CA ASP A 228 -5.45 0.68 9.81
C ASP A 228 -4.44 -0.16 10.60
N TYR A 229 -3.28 0.44 10.93
CA TYR A 229 -2.27 -0.28 11.69
C TYR A 229 -2.81 -0.73 13.06
N VAL A 230 -3.47 0.20 13.75
CA VAL A 230 -4.05 -0.04 15.08
C VAL A 230 -5.08 -1.18 15.01
N SER A 231 -5.95 -1.18 13.98
CA SER A 231 -6.89 -2.27 13.68
C SER A 231 -6.19 -3.59 13.41
N ASN A 232 -5.16 -3.56 12.57
CA ASN A 232 -4.44 -4.79 12.25
C ASN A 232 -3.77 -5.36 13.50
N ALA A 233 -3.32 -4.48 14.41
CA ALA A 233 -2.63 -4.92 15.60
C ALA A 233 -3.62 -5.49 16.63
N GLY A 234 -4.89 -5.14 16.44
CA GLY A 234 -5.99 -5.57 17.30
C GLY A 234 -6.00 -4.84 18.65
N TRP A 235 -5.26 -3.72 18.76
CA TRP A 235 -5.28 -2.95 19.99
C TRP A 235 -6.63 -2.29 20.22
N ASP A 236 -6.97 -2.04 21.49
N ASP A 236 -6.97 -2.04 21.48
CA ASP A 236 -8.15 -1.29 21.86
CA ASP A 236 -8.16 -1.31 21.83
C ASP A 236 -7.95 0.18 21.47
C ASP A 236 -7.96 0.17 21.49
N GLU A 237 -8.81 0.69 20.58
CA GLU A 237 -8.67 2.03 20.04
C GLU A 237 -8.67 3.11 21.13
N GLY A 238 -9.59 2.99 22.09
CA GLY A 238 -9.71 4.02 23.10
C GLY A 238 -8.45 4.10 23.96
N LEU A 239 -7.93 2.93 24.34
CA LEU A 239 -6.74 2.89 25.19
C LEU A 239 -5.51 3.37 24.40
N VAL A 240 -5.44 3.01 23.11
CA VAL A 240 -4.35 3.51 22.27
C VAL A 240 -4.36 5.06 22.30
N GLU A 241 -5.53 5.65 22.03
CA GLU A 241 -5.65 7.10 22.01
C GLU A 241 -5.25 7.71 23.35
N GLU A 242 -5.76 7.17 24.48
CA GLU A 242 -5.40 7.68 25.80
C GLU A 242 -3.88 7.56 26.06
N SER A 243 -3.32 6.44 25.59
CA SER A 243 -1.90 6.15 25.85
C SER A 243 -1.00 7.12 25.06
N TYR A 244 -1.33 7.36 23.79
CA TYR A 244 -0.65 8.40 23.03
C TYR A 244 -0.77 9.74 23.75
N GLU A 245 -2.01 10.11 24.17
CA GLU A 245 -2.18 11.40 24.81
C GLU A 245 -1.32 11.55 26.05
N TRP A 246 -1.20 10.45 26.80
CA TRP A 246 -0.49 10.45 28.07
C TRP A 246 1.00 10.69 27.81
N VAL A 247 1.53 10.06 26.74
CA VAL A 247 2.93 10.31 26.36
C VAL A 247 3.09 11.74 25.85
N GLU A 248 2.16 12.16 24.98
CA GLU A 248 2.31 13.44 24.30
C GLU A 248 2.33 14.62 25.27
N LYS A 249 1.53 14.54 26.34
CA LYS A 249 1.44 15.67 27.25
C LYS A 249 2.77 15.83 28.00
N GLN A 250 3.61 14.78 28.02
CA GLN A 250 4.91 14.86 28.64
C GLN A 250 6.01 15.19 27.63
N ASN A 251 6.02 14.52 26.47
CA ASN A 251 7.23 14.45 25.64
C ASN A 251 7.03 14.97 24.21
N ALA A 252 5.80 15.32 23.79
CA ALA A 252 5.61 15.70 22.38
C ALA A 252 5.31 17.19 22.28
N PHE A 253 5.86 17.83 21.23
CA PHE A 253 5.76 19.27 21.08
C PHE A 253 5.36 19.63 19.65
N LYS A 254 4.29 20.45 19.55
CA LYS A 254 3.83 20.98 18.28
C LYS A 254 4.75 22.14 17.92
N PRO A 255 5.35 22.19 16.70
CA PRO A 255 6.28 23.28 16.38
C PRO A 255 5.51 24.60 16.34
N GLN A 256 6.10 25.65 16.92
CA GLN A 256 5.52 26.97 16.91
C GLN A 256 5.72 27.62 15.55
N HIS A 257 6.88 27.35 14.93
CA HIS A 257 7.26 27.96 13.66
C HIS A 257 7.99 26.91 12.82
N LEU A 258 7.70 26.89 11.51
CA LEU A 258 8.50 26.08 10.59
C LEU A 258 9.82 26.78 10.28
N SER A 259 10.90 26.00 10.21
CA SER A 259 12.15 26.51 9.64
C SER A 259 11.94 26.85 8.15
N PRO A 260 12.82 27.69 7.56
CA PRO A 260 12.82 27.93 6.12
C PRO A 260 12.94 26.64 5.29
N TRP A 261 13.70 25.67 5.80
CA TRP A 261 13.88 24.38 5.14
C TRP A 261 12.56 23.60 5.16
N SER A 262 11.94 23.47 6.35
CA SER A 262 10.64 22.81 6.47
C SER A 262 9.58 23.44 5.57
N SER A 263 9.53 24.80 5.56
CA SER A 263 8.55 25.52 4.74
C SER A 263 8.70 25.15 3.27
N ALA A 264 9.94 25.10 2.80
CA ALA A 264 10.16 24.80 1.39
C ALA A 264 9.78 23.34 1.09
N ILE A 265 10.15 22.42 1.97
CA ILE A 265 9.83 21.01 1.74
C ILE A 265 8.31 20.82 1.77
N ARG A 266 7.62 21.40 2.76
CA ARG A 266 6.16 21.32 2.78
C ARG A 266 5.54 21.90 1.49
N ASP A 267 5.94 23.13 1.14
CA ASP A 267 5.39 23.77 -0.06
C ASP A 267 5.67 22.91 -1.27
N GLY A 268 6.90 22.38 -1.37
CA GLY A 268 7.29 21.57 -2.51
C GLY A 268 6.51 20.26 -2.56
N LEU A 269 6.31 19.56 -1.42
CA LEU A 269 5.58 18.29 -1.45
C LEU A 269 4.16 18.52 -1.97
N VAL A 270 3.53 19.64 -1.55
CA VAL A 270 2.20 20.02 -2.01
C VAL A 270 2.26 20.29 -3.51
N GLU A 271 3.24 21.08 -3.97
CA GLU A 271 3.37 21.36 -5.41
C GLU A 271 3.64 20.10 -6.20
N ALA A 272 4.31 19.11 -5.59
CA ALA A 272 4.64 17.85 -6.27
C ALA A 272 3.44 16.88 -6.25
N GLY A 273 2.33 17.29 -5.63
CA GLY A 273 1.11 16.48 -5.69
C GLY A 273 1.06 15.38 -4.61
N VAL A 274 1.83 15.53 -3.52
CA VAL A 274 1.72 14.62 -2.37
C VAL A 274 0.59 15.15 -1.50
N LEU A 275 -0.62 14.73 -1.84
CA LEU A 275 -1.84 15.42 -1.36
C LEU A 275 -2.72 14.41 -0.65
N PRO A 276 -3.71 14.83 0.17
CA PRO A 276 -3.96 16.24 0.47
C PRO A 276 -2.90 16.81 1.41
N TYR A 277 -2.95 18.14 1.55
CA TYR A 277 -2.21 18.82 2.60
C TYR A 277 -3.02 18.77 3.89
N ASN A 278 -2.41 18.21 4.95
CA ASN A 278 -3.14 17.96 6.18
C ASN A 278 -2.77 18.94 7.31
N GLY A 279 -2.00 19.98 7.00
CA GLY A 279 -1.51 20.90 8.01
C GLY A 279 -0.71 20.15 9.07
N TYR A 280 -0.79 20.63 10.31
CA TYR A 280 -0.24 19.94 11.47
C TYR A 280 -1.22 18.91 12.01
N THR A 281 -0.75 17.66 12.15
CA THR A 281 -1.53 16.63 12.82
C THR A 281 -0.60 15.51 13.29
N LEU A 282 -0.96 14.88 14.43
CA LEU A 282 -0.21 13.73 14.94
C LEU A 282 -0.54 12.49 14.13
N ASP A 283 -1.65 12.54 13.38
CA ASP A 283 -2.20 11.33 12.77
C ASP A 283 -1.46 10.92 11.49
N HIS A 284 -1.56 9.62 11.16
CA HIS A 284 -0.99 9.08 9.94
C HIS A 284 -2.03 9.16 8.82
N LEU A 285 -1.93 10.19 7.97
CA LEU A 285 -2.90 10.41 6.88
C LEU A 285 -2.11 10.50 5.60
N ASP A 286 -2.66 9.94 4.53
CA ASP A 286 -2.02 10.11 3.22
C ASP A 286 -1.91 11.61 2.92
N GLY A 287 -0.76 12.02 2.39
CA GLY A 287 -0.56 13.40 2.01
C GLY A 287 0.58 14.04 2.80
N THR A 288 0.65 15.36 2.76
CA THR A 288 1.79 16.09 3.35
C THR A 288 1.32 16.64 4.69
N LYS A 289 2.21 16.56 5.71
CA LYS A 289 1.84 17.17 6.98
C LYS A 289 3.07 17.69 7.73
N ILE A 290 2.79 18.56 8.70
CA ILE A 290 3.70 18.91 9.77
C ILE A 290 3.36 17.92 10.89
N SER A 291 4.38 17.43 11.64
CA SER A 291 4.12 16.64 12.83
C SER A 291 4.94 17.14 14.02
N ALA A 292 4.75 16.47 15.17
CA ALA A 292 5.39 16.84 16.42
C ALA A 292 6.84 16.31 16.47
N SER A 293 7.55 16.74 17.52
CA SER A 293 8.90 16.32 17.83
C SER A 293 8.97 16.14 19.36
N ILE A 294 9.96 15.34 19.82
CA ILE A 294 10.31 15.29 21.24
C ILE A 294 11.32 16.38 21.57
N PHE A 295 11.67 17.22 20.59
CA PHE A 295 12.45 18.42 20.86
C PHE A 295 11.48 19.57 21.16
N ASP A 296 11.74 20.29 22.27
CA ASP A 296 10.88 21.40 22.66
C ASP A 296 11.30 22.69 21.96
N SER A 297 10.62 23.80 22.30
CA SER A 297 10.80 25.06 21.60
C SER A 297 12.16 25.71 21.93
N LYS A 298 12.86 25.20 22.94
CA LYS A 298 14.21 25.63 23.32
C LYS A 298 15.27 24.70 22.72
N GLY A 299 14.85 23.77 21.87
CA GLY A 299 15.80 22.86 21.20
C GLY A 299 16.35 21.79 22.15
N LYS A 300 15.61 21.47 23.21
CA LYS A 300 15.97 20.46 24.20
C LYS A 300 15.13 19.18 24.01
N ARG A 301 15.81 18.03 24.10
CA ARG A 301 15.23 16.70 23.89
C ARG A 301 14.55 16.22 25.16
N HIS A 302 13.33 15.71 25.02
CA HIS A 302 12.59 15.02 26.07
C HIS A 302 12.58 13.52 25.75
N THR A 303 13.46 12.75 26.43
CA THR A 303 13.61 11.31 26.22
C THR A 303 12.54 10.57 27.02
N ALA A 304 12.36 9.27 26.70
CA ALA A 304 11.39 8.41 27.35
C ALA A 304 11.73 8.27 28.85
N ALA A 305 12.96 8.60 29.27
CA ALA A 305 13.32 8.52 30.68
C ALA A 305 12.49 9.53 31.47
N ASP A 306 12.07 10.64 30.83
CA ASP A 306 11.20 11.59 31.49
C ASP A 306 9.85 10.97 31.83
N LEU A 307 9.47 9.89 31.12
CA LEU A 307 8.20 9.22 31.40
C LEU A 307 8.25 8.50 32.76
N LEU A 308 9.45 8.46 33.39
CA LEU A 308 9.58 7.93 34.76
C LEU A 308 9.08 8.93 35.80
N LYS A 309 8.77 10.16 35.39
CA LYS A 309 8.33 11.21 36.31
C LYS A 309 7.09 10.80 37.08
N SER A 310 6.17 10.05 36.45
CA SER A 310 4.96 9.69 37.19
C SER A 310 5.07 8.30 37.84
N ALA A 311 6.24 7.64 37.78
CA ALA A 311 6.42 6.40 38.52
C ALA A 311 6.21 6.65 40.00
N ASN A 312 5.78 5.63 40.74
CA ASN A 312 5.78 5.72 42.20
C ASN A 312 7.19 5.46 42.74
N PRO A 313 7.86 6.47 43.33
CA PRO A 313 9.25 6.32 43.78
C PRO A 313 9.48 5.31 44.91
N ASP A 314 8.41 4.87 45.60
CA ASP A 314 8.54 3.87 46.63
C ASP A 314 8.51 2.46 46.03
N ASN A 315 8.11 2.34 44.75
CA ASN A 315 7.85 1.03 44.18
C ASN A 315 8.84 0.70 43.04
N ILE A 316 9.52 1.71 42.50
CA ILE A 316 10.37 1.44 41.34
C ILE A 316 11.84 1.58 41.72
N VAL A 317 12.67 0.75 41.07
CA VAL A 317 14.12 0.86 41.17
C VAL A 317 14.62 0.84 39.73
N VAL A 318 15.48 1.80 39.39
CA VAL A 318 16.05 1.84 38.04
C VAL A 318 17.55 1.65 38.20
N LEU A 319 18.00 0.43 37.86
CA LEU A 319 19.43 0.10 37.97
C LEU A 319 20.11 0.27 36.61
N LEU A 320 21.14 1.12 36.58
CA LEU A 320 21.93 1.42 35.39
C LEU A 320 23.18 0.54 35.32
N ASN A 321 23.76 0.47 34.11
CA ASN A 321 24.98 -0.31 33.88
C ASN A 321 24.74 -1.79 34.25
N ALA A 322 23.58 -2.31 33.90
CA ALA A 322 23.16 -3.66 34.26
C ALA A 322 22.73 -4.36 32.97
N THR A 323 23.64 -5.17 32.40
CA THR A 323 23.37 -5.86 31.16
C THR A 323 22.78 -7.22 31.51
N VAL A 324 21.51 -7.43 31.14
CA VAL A 324 20.86 -8.69 31.46
C VAL A 324 21.37 -9.75 30.49
N SER A 325 21.76 -10.92 31.05
N SER A 325 21.77 -10.91 31.05
CA SER A 325 22.47 -11.95 30.32
CA SER A 325 22.47 -11.95 30.32
C SER A 325 21.60 -13.20 30.14
C SER A 325 21.60 -13.20 30.14
N ARG A 326 20.58 -13.38 30.99
N ARG A 326 20.57 -13.37 30.99
CA ARG A 326 19.62 -14.48 30.79
CA ARG A 326 19.62 -14.46 30.78
C ARG A 326 18.37 -14.26 31.64
C ARG A 326 18.38 -14.26 31.64
N VAL A 327 17.24 -14.75 31.13
CA VAL A 327 16.05 -14.97 31.94
C VAL A 327 16.25 -16.31 32.68
N LEU A 328 15.90 -16.35 33.96
CA LEU A 328 15.98 -17.57 34.77
C LEU A 328 14.59 -18.21 34.87
N PHE A 329 14.57 -19.55 35.02
CA PHE A 329 13.34 -20.33 35.08
C PHE A 329 13.33 -21.20 36.34
N ASN A 330 12.11 -21.51 36.84
CA ASN A 330 11.95 -22.41 37.97
C ASN A 330 12.36 -23.83 37.56
N SER A 331 12.87 -24.60 38.53
CA SER A 331 12.96 -26.06 38.42
C SER A 331 11.61 -26.66 38.02
N LYS A 343 4.91 -26.01 31.42
CA LYS A 343 5.64 -24.91 30.73
C LYS A 343 6.75 -24.37 31.63
N PRO A 344 7.95 -24.05 31.08
CA PRO A 344 8.93 -23.24 31.81
C PRO A 344 8.26 -21.97 32.32
N ARG A 345 8.67 -21.54 33.52
CA ARG A 345 8.09 -20.42 34.22
C ARG A 345 9.24 -19.49 34.61
N ALA A 346 9.19 -18.25 34.12
CA ALA A 346 10.28 -17.31 34.41
C ALA A 346 10.23 -16.97 35.89
N SER A 347 11.42 -16.87 36.49
CA SER A 347 11.52 -16.67 37.94
C SER A 347 12.32 -15.40 38.26
N GLY A 348 13.08 -14.89 37.27
CA GLY A 348 13.90 -13.69 37.46
C GLY A 348 14.88 -13.55 36.29
N VAL A 349 15.98 -12.80 36.52
CA VAL A 349 16.99 -12.61 35.48
C VAL A 349 18.37 -12.56 36.15
N GLU A 350 19.38 -12.78 35.32
CA GLU A 350 20.76 -12.55 35.69
C GLU A 350 21.25 -11.34 34.91
N PHE A 351 22.05 -10.49 35.57
CA PHE A 351 22.66 -9.38 34.86
C PHE A 351 24.11 -9.20 35.29
N MET A 352 24.87 -8.57 34.40
CA MET A 352 26.27 -8.25 34.57
C MET A 352 26.39 -6.76 34.79
N ASP A 353 27.07 -6.38 35.88
CA ASP A 353 27.22 -4.97 36.19
C ASP A 353 28.45 -4.49 35.42
N GLY A 354 28.84 -3.23 35.62
CA GLY A 354 29.90 -2.72 34.76
C GLY A 354 31.28 -3.21 35.20
N HIS A 355 31.34 -3.93 36.34
CA HIS A 355 32.57 -4.27 37.05
C HIS A 355 32.89 -5.75 36.89
N GLY A 356 32.18 -6.43 35.99
CA GLY A 356 32.35 -7.87 35.75
C GLY A 356 31.72 -8.76 36.84
N ARG A 357 30.78 -8.22 37.63
CA ARG A 357 30.03 -9.05 38.57
C ARG A 357 28.66 -9.38 37.98
N SER A 358 28.25 -10.65 38.05
CA SER A 358 26.91 -11.03 37.66
C SER A 358 26.09 -11.37 38.88
N TYR A 359 24.87 -10.79 38.95
CA TYR A 359 23.93 -11.07 40.03
C TYR A 359 22.63 -11.65 39.49
N GLN A 360 21.97 -12.49 40.27
CA GLN A 360 20.60 -12.92 39.95
C GLN A 360 19.59 -12.13 40.79
N VAL A 361 18.44 -11.78 40.19
CA VAL A 361 17.39 -11.05 40.90
C VAL A 361 16.08 -11.73 40.57
N PHE A 362 15.16 -11.81 41.55
CA PHE A 362 14.01 -12.70 41.41
C PHE A 362 12.69 -11.96 41.54
N LEU A 363 11.68 -12.55 40.89
CA LEU A 363 10.28 -12.17 41.02
C LEU A 363 9.78 -12.49 42.41
N ASN A 364 8.87 -11.63 42.86
CA ASN A 364 8.17 -11.82 44.12
C ASN A 364 7.10 -12.90 43.98
N GLU A 365 7.51 -14.17 44.02
CA GLU A 365 6.72 -15.37 44.32
C GLU A 365 5.26 -15.04 44.72
N LYS A 384 -8.37 -14.03 35.72
CA LYS A 384 -7.19 -14.94 35.58
C LYS A 384 -5.89 -14.14 35.57
N PRO A 385 -5.52 -13.46 36.70
CA PRO A 385 -4.24 -12.74 36.81
C PRO A 385 -2.97 -13.55 37.07
N LYS A 386 -1.88 -13.14 36.42
CA LYS A 386 -0.70 -13.96 36.14
C LYS A 386 0.34 -13.94 37.26
N GLY A 387 0.20 -13.04 38.24
CA GLY A 387 1.22 -12.92 39.27
C GLY A 387 2.42 -12.14 38.75
N PRO A 388 3.63 -12.30 39.33
CA PRO A 388 4.79 -11.49 38.92
C PRO A 388 5.30 -11.91 37.55
N GLU A 389 5.96 -10.98 36.84
CA GLU A 389 6.40 -11.28 35.48
C GLU A 389 7.71 -10.56 35.14
N VAL A 390 8.53 -11.22 34.33
CA VAL A 390 9.64 -10.62 33.62
C VAL A 390 9.09 -10.11 32.28
N ILE A 391 9.42 -8.86 31.96
CA ILE A 391 9.02 -8.27 30.68
C ILE A 391 10.27 -7.72 30.00
N LEU A 392 10.56 -8.24 28.80
CA LEU A 392 11.69 -7.77 28.00
C LEU A 392 11.23 -6.56 27.19
N THR A 393 11.97 -5.46 27.31
CA THR A 393 11.80 -4.25 26.51
C THR A 393 13.18 -3.81 26.03
N ALA A 394 13.99 -4.79 25.61
CA ALA A 394 15.39 -4.61 25.29
C ALA A 394 15.60 -4.33 23.79
N GLY A 395 14.49 -4.11 23.05
CA GLY A 395 14.62 -3.61 21.69
C GLY A 395 14.63 -4.74 20.66
N ALA A 396 14.51 -4.35 19.37
CA ALA A 396 14.55 -5.27 18.25
C ALA A 396 15.78 -6.18 18.30
N LEU A 397 16.95 -5.64 18.64
CA LEU A 397 18.13 -6.51 18.72
C LEU A 397 18.25 -7.18 20.10
N GLY A 398 17.94 -6.45 21.17
CA GLY A 398 18.19 -6.95 22.53
C GLY A 398 17.26 -8.09 22.96
N SER A 399 15.96 -7.97 22.67
CA SER A 399 15.04 -8.97 23.19
C SER A 399 15.24 -10.35 22.54
N PRO A 400 15.33 -10.49 21.18
CA PRO A 400 15.59 -11.81 20.60
C PRO A 400 16.94 -12.37 21.06
N GLN A 401 17.94 -11.51 21.16
CA GLN A 401 19.27 -11.91 21.65
C GLN A 401 19.16 -12.51 23.05
N LEU A 402 18.42 -11.82 23.94
CA LEU A 402 18.29 -12.31 25.31
C LEU A 402 17.52 -13.64 25.36
N LEU A 403 16.46 -13.80 24.54
CA LEU A 403 15.75 -15.08 24.48
C LEU A 403 16.75 -16.19 24.13
N LEU A 404 17.52 -15.98 23.07
CA LEU A 404 18.50 -16.95 22.62
C LEU A 404 19.48 -17.33 23.73
N LEU A 405 20.06 -16.31 24.37
CA LEU A 405 21.00 -16.49 25.49
C LEU A 405 20.35 -17.25 26.65
N SER A 406 19.03 -17.16 26.79
CA SER A 406 18.25 -17.76 27.87
C SER A 406 17.89 -19.23 27.58
N GLY A 407 18.15 -19.68 26.35
CA GLY A 407 17.82 -21.03 25.94
C GLY A 407 16.42 -21.13 25.33
N ILE A 408 15.88 -20.00 24.82
CA ILE A 408 14.58 -19.99 24.17
C ILE A 408 14.83 -19.61 22.72
N GLY A 409 14.67 -20.58 21.82
CA GLY A 409 15.02 -20.31 20.43
C GLY A 409 15.14 -21.61 19.66
N PRO A 410 15.64 -21.55 18.41
CA PRO A 410 15.90 -22.77 17.64
C PRO A 410 17.01 -23.62 18.26
N SER A 411 16.68 -24.89 18.55
CA SER A 411 17.54 -25.80 19.29
C SER A 411 18.93 -25.93 18.65
N LYS A 412 18.95 -26.03 17.32
CA LYS A 412 20.19 -26.22 16.58
C LYS A 412 21.13 -25.04 16.83
N HIS A 413 20.60 -23.82 16.82
CA HIS A 413 21.42 -22.63 16.99
C HIS A 413 21.94 -22.58 18.43
N LEU A 414 21.05 -22.91 19.38
CA LEU A 414 21.42 -22.90 20.79
C LEU A 414 22.51 -23.95 21.07
N ARG A 415 22.40 -25.13 20.43
CA ARG A 415 23.42 -26.18 20.51
C ARG A 415 24.79 -25.67 20.04
N GLU A 416 24.81 -24.90 18.94
CA GLU A 416 26.04 -24.36 18.38
C GLU A 416 26.77 -23.51 19.41
N PHE A 417 26.02 -22.81 20.29
CA PHE A 417 26.62 -21.91 21.27
C PHE A 417 26.68 -22.54 22.66
N ASN A 418 26.36 -23.85 22.76
CA ASN A 418 26.40 -24.59 24.01
C ASN A 418 25.46 -23.98 25.06
N ILE A 419 24.27 -23.54 24.62
CA ILE A 419 23.31 -22.95 25.54
C ILE A 419 22.27 -24.02 25.86
N PRO A 420 22.10 -24.40 27.14
CA PRO A 420 21.09 -25.40 27.51
C PRO A 420 19.73 -24.98 26.96
N LEU A 421 19.01 -25.95 26.37
CA LEU A 421 17.69 -25.70 25.80
C LEU A 421 16.66 -25.58 26.91
N VAL A 422 15.92 -24.46 26.92
CA VAL A 422 14.74 -24.34 27.79
C VAL A 422 13.48 -24.62 26.98
N LEU A 423 13.38 -24.02 25.78
CA LEU A 423 12.22 -24.20 24.91
C LEU A 423 12.70 -24.00 23.48
N ASP A 424 12.42 -25.02 22.65
CA ASP A 424 12.61 -24.91 21.21
C ASP A 424 11.50 -24.05 20.63
N LEU A 425 11.89 -22.81 20.28
CA LEU A 425 10.99 -21.82 19.72
C LEU A 425 11.64 -21.31 18.45
N PRO A 426 11.44 -22.00 17.31
CA PRO A 426 12.21 -21.75 16.09
C PRO A 426 12.08 -20.32 15.55
N LEU A 427 11.01 -19.60 15.91
CA LEU A 427 10.73 -18.31 15.26
C LEU A 427 11.40 -17.13 15.95
N VAL A 428 12.06 -17.37 17.11
CA VAL A 428 12.86 -16.37 17.81
C VAL A 428 13.95 -15.88 16.86
N GLY A 429 13.98 -14.56 16.60
CA GLY A 429 15.03 -14.01 15.74
C GLY A 429 14.76 -14.19 14.24
N GLN A 430 13.57 -14.71 13.90
CA GLN A 430 13.20 -14.89 12.50
C GLN A 430 12.30 -13.73 12.01
N ARG A 431 12.32 -13.52 10.68
CA ARG A 431 11.40 -12.59 10.04
C ARG A 431 11.70 -11.15 10.44
N ILE A 432 12.96 -10.85 10.78
CA ILE A 432 13.29 -9.49 11.21
C ILE A 432 13.34 -8.62 9.96
N GLN A 433 13.27 -7.31 10.15
CA GLN A 433 13.13 -6.46 8.98
C GLN A 433 13.68 -5.08 9.31
N ASP A 434 14.29 -4.49 8.28
CA ASP A 434 14.64 -3.09 8.40
C ASP A 434 14.08 -2.36 7.19
N ASN A 435 13.77 -1.08 7.34
CA ASN A 435 13.11 -0.33 6.26
C ASN A 435 14.18 0.50 5.57
N PRO A 436 14.53 0.19 4.29
CA PRO A 436 15.57 0.94 3.62
C PRO A 436 15.15 2.35 3.18
N ILE A 437 16.12 3.27 3.20
CA ILE A 437 15.93 4.57 2.55
C ILE A 437 16.86 4.71 1.34
N ALA A 438 16.43 5.59 0.40
CA ALA A 438 17.31 6.14 -0.63
C ALA A 438 17.21 7.65 -0.47
N SER A 439 18.29 8.37 -0.80
CA SER A 439 18.34 9.79 -0.49
C SER A 439 19.26 10.55 -1.44
N VAL A 440 19.11 11.88 -1.36
CA VAL A 440 20.09 12.86 -1.79
CA VAL A 440 20.09 12.86 -1.79
C VAL A 440 20.55 13.64 -0.57
N THR A 441 21.85 14.01 -0.53
CA THR A 441 22.42 14.67 0.63
C THR A 441 23.29 15.85 0.19
N CYS A 442 23.27 16.93 0.99
CA CYS A 442 24.17 18.07 0.79
C CYS A 442 24.65 18.60 2.13
N LYS A 443 25.77 19.35 2.12
CA LYS A 443 26.37 19.82 3.35
C LYS A 443 25.87 21.23 3.68
N SER A 444 25.62 21.49 4.95
CA SER A 444 25.14 22.79 5.39
C SER A 444 25.78 23.12 6.72
N HIS A 445 25.69 24.40 7.14
CA HIS A 445 26.15 24.76 8.46
C HIS A 445 24.96 25.01 9.38
N HIS A 446 23.75 24.64 8.91
CA HIS A 446 22.53 24.90 9.67
C HIS A 446 21.90 23.55 10.01
N PHE A 447 21.38 23.43 11.23
CA PHE A 447 20.64 22.24 11.64
C PHE A 447 19.16 22.60 11.60
N TYR A 448 18.39 21.81 10.85
CA TYR A 448 16.95 21.97 10.79
C TYR A 448 16.32 20.67 11.25
N TYR A 449 15.75 20.69 12.47
CA TYR A 449 15.14 19.50 13.06
C TYR A 449 13.91 19.13 12.23
N GLN A 450 13.51 17.84 12.28
CA GLN A 450 12.43 17.35 11.44
C GLN A 450 11.05 17.81 11.91
N GLN A 451 10.33 18.39 10.93
CA GLN A 451 9.00 18.91 11.14
C GLN A 451 8.01 18.31 10.12
N ILE A 452 8.50 17.94 8.93
CA ILE A 452 7.66 17.68 7.76
C ILE A 452 7.77 16.22 7.33
N VAL A 453 6.64 15.63 6.90
CA VAL A 453 6.66 14.32 6.26
C VAL A 453 5.65 14.29 5.12
N GLY A 454 6.06 13.67 4.00
CA GLY A 454 5.17 13.39 2.90
C GLY A 454 4.84 11.91 2.93
N ILE A 455 3.54 11.62 3.05
CA ILE A 455 3.07 10.23 3.00
C ILE A 455 2.46 10.02 1.61
N THR A 456 3.21 9.29 0.77
CA THR A 456 2.82 9.12 -0.64
C THR A 456 1.59 8.21 -0.75
N GLN A 457 1.00 8.15 -1.94
CA GLN A 457 -0.25 7.44 -2.13
C GLN A 457 -0.12 5.99 -1.64
N PHE A 458 -1.20 5.48 -1.05
CA PHE A 458 -1.26 4.11 -0.54
C PHE A 458 -0.33 3.94 0.66
N SER A 459 0.12 5.04 1.30
CA SER A 459 1.06 4.98 2.41
C SER A 459 2.31 4.16 2.02
N GLN A 460 2.74 4.26 0.75
CA GLN A 460 3.78 3.35 0.27
C GLN A 460 5.19 3.83 0.63
N ASN A 461 5.42 5.15 0.61
CA ASN A 461 6.74 5.70 0.89
C ASN A 461 6.57 6.94 1.76
N TYR A 462 7.59 7.22 2.60
CA TYR A 462 7.59 8.39 3.48
C TYR A 462 8.76 9.25 3.08
N ILE A 463 8.46 10.53 2.76
CA ILE A 463 9.49 11.47 2.36
C ILE A 463 9.78 12.39 3.53
N GLU A 464 11.04 12.42 3.97
CA GLU A 464 11.39 13.28 5.10
C GLU A 464 12.72 13.97 4.79
N PRO A 465 13.02 15.13 5.43
CA PRO A 465 14.18 15.93 5.06
C PRO A 465 15.12 16.19 6.23
N PRO A 466 15.81 15.14 6.76
CA PRO A 466 16.60 15.28 7.99
C PRO A 466 17.84 16.17 7.89
N SER A 467 18.24 16.68 9.05
CA SER A 467 19.59 17.20 9.29
C SER A 467 20.28 16.28 10.28
N ILE A 468 21.61 16.12 10.13
CA ILE A 468 22.35 15.32 11.09
C ILE A 468 23.76 15.89 11.22
N PHE A 469 24.29 15.86 12.46
CA PHE A 469 25.62 16.38 12.76
C PHE A 469 26.68 15.50 12.09
N VAL A 470 27.68 16.13 11.48
CA VAL A 470 28.73 15.37 10.82
C VAL A 470 30.10 15.77 11.37
N ASN A 471 30.24 17.00 11.84
CA ASN A 471 31.53 17.47 12.32
C ASN A 471 31.35 18.74 13.13
N GLY A 472 32.16 18.89 14.19
CA GLY A 472 32.22 20.13 14.94
C GLY A 472 33.28 21.04 14.36
N ARG A 479 30.38 27.42 13.76
CA ARG A 479 29.18 26.55 13.63
C ARG A 479 29.58 25.18 13.08
N ASN A 480 28.80 24.15 13.43
CA ASN A 480 29.08 22.77 13.05
C ASN A 480 28.73 22.52 11.58
N GLU A 481 29.16 21.38 11.06
CA GLU A 481 28.76 20.91 9.74
C GLU A 481 27.67 19.84 9.90
N TYR A 482 26.63 19.96 9.08
CA TYR A 482 25.51 19.04 9.07
C TYR A 482 25.34 18.50 7.66
N ASN A 483 24.85 17.27 7.56
CA ASN A 483 24.33 16.76 6.31
C ASN A 483 22.82 16.98 6.33
N ILE A 484 22.30 17.59 5.25
CA ILE A 484 20.87 17.70 5.03
C ILE A 484 20.54 16.73 3.91
N SER A 485 19.42 16.03 4.05
CA SER A 485 19.07 14.98 3.11
C SER A 485 17.59 15.13 2.77
N ILE A 486 17.21 14.60 1.60
CA ILE A 486 15.81 14.25 1.41
C ILE A 486 15.84 12.76 1.15
N PHE A 487 15.08 12.02 1.97
CA PHE A 487 15.02 10.59 1.77
C PHE A 487 13.61 10.17 1.41
N GLU A 488 13.52 8.97 0.79
CA GLU A 488 12.28 8.22 0.76
C GLU A 488 12.52 6.92 1.56
N LYS A 489 11.57 6.59 2.46
CA LYS A 489 11.60 5.35 3.20
C LYS A 489 10.54 4.42 2.64
N LEU A 490 10.92 3.16 2.45
CA LEU A 490 9.99 2.11 2.06
C LEU A 490 9.15 1.75 3.29
N ALA A 491 7.84 2.04 3.25
CA ALA A 491 6.95 1.90 4.40
C ALA A 491 6.74 0.44 4.82
N PHE A 492 6.49 -0.45 3.85
CA PHE A 492 6.07 -1.82 4.14
C PHE A 492 6.85 -2.80 3.27
N PRO A 493 8.15 -3.06 3.57
CA PRO A 493 8.97 -3.94 2.74
C PRO A 493 8.45 -5.38 2.82
N LEU A 494 8.68 -6.15 1.77
CA LEU A 494 8.50 -7.60 1.83
C LEU A 494 9.76 -8.31 2.34
N SER A 495 10.95 -7.75 2.10
CA SER A 495 12.20 -8.42 2.43
C SER A 495 12.35 -8.57 3.95
N ARG A 496 12.75 -9.80 4.37
CA ARG A 496 12.96 -10.13 5.78
C ARG A 496 14.24 -10.97 5.91
N GLY A 497 14.77 -11.07 7.13
CA GLY A 497 15.91 -11.94 7.40
C GLY A 497 15.89 -12.46 8.83
N GLU A 498 17.08 -12.54 9.44
CA GLU A 498 17.18 -13.22 10.72
C GLU A 498 18.30 -12.65 11.59
N LEU A 499 18.06 -12.79 12.90
CA LEU A 499 18.98 -12.41 13.97
C LEU A 499 19.54 -13.70 14.57
N ARG A 500 20.85 -13.70 14.87
CA ARG A 500 21.54 -14.86 15.42
C ARG A 500 22.53 -14.37 16.45
N LEU A 501 22.87 -15.23 17.42
CA LEU A 501 23.99 -14.90 18.30
C LEU A 501 25.28 -14.97 17.49
N ARG A 502 26.24 -14.11 17.87
CA ARG A 502 27.63 -14.21 17.45
C ARG A 502 28.51 -14.74 18.59
N SER A 503 28.07 -14.59 19.85
CA SER A 503 28.85 -14.95 21.02
C SER A 503 27.92 -15.09 22.22
N ARG A 504 28.47 -15.58 23.35
CA ARG A 504 27.71 -15.69 24.58
C ARG A 504 27.86 -14.43 25.44
N ASP A 505 28.62 -13.44 24.96
CA ASP A 505 28.81 -12.21 25.73
C ASP A 505 27.56 -11.33 25.53
N PRO A 506 26.86 -11.04 26.65
CA PRO A 506 25.58 -10.34 26.60
C PRO A 506 25.71 -8.88 26.17
N ARG A 507 26.94 -8.35 26.19
CA ARG A 507 27.23 -6.98 25.80
C ARG A 507 27.41 -6.85 24.29
N ASP A 508 27.64 -7.97 23.59
CA ASP A 508 27.96 -7.90 22.15
C ASP A 508 26.70 -7.68 21.33
N ASN A 509 26.86 -7.25 20.08
CA ASN A 509 25.73 -7.25 19.13
C ASN A 509 25.44 -8.68 18.71
N PRO A 510 24.17 -9.03 18.43
CA PRO A 510 23.84 -10.24 17.65
C PRO A 510 24.16 -9.91 16.19
N SER A 511 24.19 -10.94 15.33
CA SER A 511 24.20 -10.63 13.89
C SER A 511 22.77 -10.42 13.42
N VAL A 512 22.60 -9.45 12.51
CA VAL A 512 21.31 -9.23 11.88
C VAL A 512 21.54 -9.19 10.36
N ARG A 513 20.68 -9.89 9.61
CA ARG A 513 20.69 -9.83 8.17
C ARG A 513 19.28 -9.43 7.73
N TYR A 514 19.19 -8.40 6.88
CA TYR A 514 17.91 -7.84 6.50
C TYR A 514 17.50 -8.21 5.06
N ASN A 515 18.44 -8.65 4.21
CA ASN A 515 18.13 -9.01 2.84
C ASN A 515 17.49 -7.84 2.10
N TYR A 516 18.05 -6.64 2.24
CA TYR A 516 17.44 -5.46 1.63
C TYR A 516 17.26 -5.64 0.12
N TYR A 517 16.06 -5.33 -0.37
CA TYR A 517 15.73 -5.41 -1.78
C TYR A 517 15.90 -6.83 -2.32
N SER A 518 15.78 -7.88 -1.50
CA SER A 518 15.79 -9.25 -2.00
C SER A 518 14.50 -9.53 -2.74
N HIS A 519 13.38 -8.97 -2.25
CA HIS A 519 12.15 -9.03 -3.03
CA HIS A 519 12.14 -9.02 -3.02
C HIS A 519 12.13 -7.85 -4.00
N PRO A 520 12.00 -8.09 -5.33
CA PRO A 520 12.09 -7.01 -6.31
C PRO A 520 10.99 -5.96 -6.19
N LEU A 521 9.84 -6.33 -5.61
CA LEU A 521 8.80 -5.33 -5.32
C LEU A 521 9.38 -4.19 -4.46
N ASP A 522 10.27 -4.53 -3.52
CA ASP A 522 10.83 -3.51 -2.65
C ASP A 522 11.71 -2.54 -3.44
N PHE A 523 12.47 -3.06 -4.40
CA PHE A 523 13.37 -2.20 -5.18
C PHE A 523 12.57 -1.31 -6.13
N GLU A 524 11.50 -1.86 -6.72
CA GLU A 524 10.63 -1.05 -7.57
C GLU A 524 9.97 0.07 -6.77
N ARG A 525 9.58 -0.22 -5.52
CA ARG A 525 8.94 0.78 -4.68
C ARG A 525 9.97 1.82 -4.23
N CYS A 526 11.24 1.43 -4.13
CA CYS A 526 12.29 2.43 -3.91
C CYS A 526 12.32 3.43 -5.07
N VAL A 527 12.31 2.91 -6.31
CA VAL A 527 12.33 3.79 -7.47
C VAL A 527 11.09 4.71 -7.48
N GLN A 528 9.91 4.16 -7.14
CA GLN A 528 8.67 4.92 -7.02
C GLN A 528 8.85 6.09 -6.04
N GLY A 529 9.51 5.83 -4.90
CA GLY A 529 9.81 6.87 -3.91
C GLY A 529 10.79 7.92 -4.45
N VAL A 530 11.86 7.48 -5.12
CA VAL A 530 12.86 8.41 -5.63
C VAL A 530 12.24 9.30 -6.72
N ARG A 531 11.31 8.76 -7.51
CA ARG A 531 10.55 9.57 -8.47
C ARG A 531 9.94 10.81 -7.81
N VAL A 532 9.43 10.64 -6.57
CA VAL A 532 8.84 11.74 -5.83
C VAL A 532 9.93 12.73 -5.38
N ILE A 533 11.09 12.24 -4.95
CA ILE A 533 12.18 13.14 -4.59
C ILE A 533 12.55 13.98 -5.81
N ALA A 534 12.63 13.35 -6.99
CA ALA A 534 12.99 14.06 -8.22
C ALA A 534 11.97 15.16 -8.53
N GLN A 535 10.69 14.84 -8.39
CA GLN A 535 9.65 15.85 -8.61
C GLN A 535 9.76 16.95 -7.55
N LEU A 536 10.03 16.57 -6.28
CA LEU A 536 10.18 17.55 -5.21
C LEU A 536 11.30 18.55 -5.55
N LEU A 537 12.44 18.05 -6.00
CA LEU A 537 13.57 18.94 -6.26
C LEU A 537 13.28 19.88 -7.44
N ASN A 538 12.37 19.48 -8.33
CA ASN A 538 12.02 20.27 -9.52
C ASN A 538 11.00 21.36 -9.18
N THR A 539 10.39 21.31 -7.98
CA THR A 539 9.29 22.24 -7.67
C THR A 539 9.83 23.67 -7.61
N PRO A 540 8.98 24.69 -7.91
CA PRO A 540 9.37 26.09 -7.72
C PRO A 540 9.86 26.36 -6.30
N SER A 541 9.17 25.74 -5.32
CA SER A 541 9.51 25.93 -3.92
C SER A 541 10.94 25.46 -3.58
N LEU A 542 11.36 24.28 -4.04
CA LEU A 542 12.72 23.82 -3.75
C LEU A 542 13.76 24.66 -4.51
N ARG A 543 13.41 25.01 -5.75
CA ARG A 543 14.35 25.76 -6.58
C ARG A 543 14.62 27.13 -5.97
N ARG A 544 13.58 27.74 -5.38
CA ARG A 544 13.72 29.10 -4.85
C ARG A 544 14.36 29.09 -3.47
N SER A 545 14.28 27.98 -2.74
CA SER A 545 14.62 27.92 -1.32
C SER A 545 16.06 28.35 -1.06
N ASN A 546 16.25 29.38 -0.23
CA ASN A 546 17.58 29.79 0.20
C ASN A 546 18.18 28.80 1.21
N ALA A 547 17.34 27.95 1.83
CA ALA A 547 17.85 27.01 2.82
C ALA A 547 18.39 25.74 2.17
N SER A 548 17.88 25.40 0.98
CA SER A 548 18.27 24.16 0.32
C SER A 548 19.72 24.22 -0.17
N CYS A 549 20.47 23.13 0.01
CA CYS A 549 21.82 23.00 -0.54
C CYS A 549 21.80 22.12 -1.79
N PHE A 550 20.62 21.91 -2.41
CA PHE A 550 20.49 20.98 -3.52
C PHE A 550 20.54 21.66 -4.90
N HIS A 551 20.74 22.98 -4.94
CA HIS A 551 20.65 23.70 -6.22
C HIS A 551 21.65 23.13 -7.24
N GLY A 552 22.82 22.72 -6.76
CA GLY A 552 23.76 21.97 -7.59
C GLY A 552 23.12 20.77 -8.31
N SER A 553 22.44 19.90 -7.54
CA SER A 553 22.33 18.48 -7.86
C SER A 553 20.92 18.08 -8.29
N PRO A 554 20.59 18.14 -9.59
CA PRO A 554 19.26 17.71 -10.07
C PRO A 554 19.19 16.19 -10.15
N ILE A 555 17.97 15.64 -10.04
CA ILE A 555 17.70 14.28 -10.51
C ILE A 555 16.78 14.40 -11.72
N ASN A 556 17.14 13.70 -12.80
CA ASN A 556 16.36 13.74 -14.02
C ASN A 556 15.04 12.99 -13.77
N MET A 557 13.91 13.71 -13.82
CA MET A 557 12.62 13.16 -13.43
C MET A 557 12.17 11.99 -14.32
N SER A 558 12.74 11.90 -15.53
CA SER A 558 12.29 10.94 -16.55
C SER A 558 13.34 9.87 -16.76
N ASP A 559 14.31 9.73 -15.83
CA ASP A 559 15.34 8.72 -15.95
C ASP A 559 15.27 7.74 -14.79
N ASP A 560 14.42 6.72 -14.91
CA ASP A 560 14.30 5.66 -13.92
C ASP A 560 15.62 4.93 -13.69
N ALA A 561 16.42 4.72 -14.74
CA ALA A 561 17.71 4.03 -14.57
C ALA A 561 18.59 4.76 -13.54
N ALA A 562 18.62 6.10 -13.63
CA ALA A 562 19.40 6.92 -12.72
C ALA A 562 18.82 6.85 -11.30
N MET A 563 17.50 6.72 -11.19
CA MET A 563 16.89 6.60 -9.87
C MET A 563 17.16 5.24 -9.25
N ALA A 564 17.17 4.17 -10.06
CA ALA A 564 17.52 2.85 -9.58
C ALA A 564 18.96 2.89 -9.05
N GLN A 565 19.80 3.69 -9.71
CA GLN A 565 21.19 3.83 -9.29
C GLN A 565 21.27 4.52 -7.93
N ILE A 566 20.42 5.54 -7.70
CA ILE A 566 20.37 6.20 -6.39
C ILE A 566 19.94 5.18 -5.33
N CYS A 567 18.95 4.34 -5.65
CA CYS A 567 18.52 3.30 -4.72
C CYS A 567 19.71 2.44 -4.27
N ARG A 568 20.53 1.99 -5.25
CA ARG A 568 21.65 1.12 -4.96
CA ARG A 568 21.65 1.12 -4.96
C ARG A 568 22.73 1.86 -4.18
N ASP A 569 23.08 3.06 -4.65
CA ASP A 569 24.23 3.80 -4.14
C ASP A 569 23.95 4.41 -2.77
N THR A 570 22.69 4.63 -2.40
CA THR A 570 22.44 5.33 -1.13
C THR A 570 21.74 4.42 -0.13
N LEU A 571 21.60 3.11 -0.44
CA LEU A 571 20.94 2.17 0.46
C LEU A 571 21.45 2.41 1.88
N SER A 572 20.54 2.75 2.80
CA SER A 572 20.88 2.98 4.20
C SER A 572 19.71 2.56 5.09
N THR A 573 19.99 2.34 6.37
CA THR A 573 18.96 2.25 7.40
C THR A 573 18.47 3.65 7.72
N VAL A 574 17.26 3.71 8.29
CA VAL A 574 16.85 4.89 9.03
C VAL A 574 16.50 4.46 10.46
N TRP A 575 17.09 3.33 10.89
CA TRP A 575 17.02 2.83 12.26
C TRP A 575 15.59 2.43 12.68
N HIS A 576 14.75 1.94 11.73
CA HIS A 576 13.41 1.45 12.03
C HIS A 576 13.34 -0.08 12.10
N TYR A 577 14.52 -0.71 12.20
CA TYR A 577 14.63 -2.16 12.32
C TYR A 577 13.68 -2.69 13.40
N HIS A 578 13.06 -3.85 13.13
CA HIS A 578 12.06 -4.40 14.04
C HIS A 578 11.96 -5.90 13.82
N GLY A 579 11.08 -6.55 14.62
CA GLY A 579 10.79 -7.97 14.53
C GLY A 579 11.76 -8.84 15.36
N GLY A 580 11.50 -10.14 15.33
CA GLY A 580 12.33 -11.15 15.99
C GLY A 580 11.65 -11.78 17.20
N CYS A 581 10.65 -11.09 17.76
CA CYS A 581 9.75 -11.64 18.78
C CYS A 581 8.32 -11.34 18.37
N GLU A 582 7.97 -11.70 17.15
CA GLU A 582 6.78 -11.12 16.51
C GLU A 582 5.47 -11.67 17.08
N VAL A 583 4.49 -10.77 17.25
CA VAL A 583 3.14 -11.15 17.61
C VAL A 583 2.64 -12.17 16.59
N GLY A 584 2.18 -13.32 17.11
CA GLY A 584 1.59 -14.40 16.33
C GLY A 584 2.64 -15.43 15.94
N TYR A 585 3.91 -15.19 16.32
CA TYR A 585 5.02 -16.07 15.97
C TYR A 585 5.75 -16.47 17.24
N VAL A 586 6.15 -15.48 18.06
CA VAL A 586 6.87 -15.72 19.30
C VAL A 586 6.03 -15.35 20.51
N VAL A 587 5.23 -14.29 20.36
CA VAL A 587 4.38 -13.85 21.46
C VAL A 587 2.95 -13.87 20.98
N ASN A 588 2.02 -13.86 21.93
CA ASN A 588 0.60 -13.75 21.63
C ASN A 588 0.19 -12.27 21.68
N GLU A 589 -1.12 -12.01 21.63
CA GLU A 589 -1.61 -10.64 21.53
C GLU A 589 -1.50 -9.92 22.89
N ARG A 590 -1.26 -10.68 23.96
CA ARG A 590 -1.02 -10.10 25.27
C ARG A 590 0.48 -10.01 25.54
N TYR A 591 1.29 -10.26 24.50
CA TYR A 591 2.74 -10.09 24.54
C TYR A 591 3.39 -11.19 25.38
N GLN A 592 2.68 -12.30 25.63
CA GLN A 592 3.24 -13.40 26.42
C GLN A 592 4.01 -14.31 25.47
N VAL A 593 5.22 -14.71 25.86
CA VAL A 593 6.02 -15.60 25.05
C VAL A 593 5.32 -16.96 24.94
N ASN A 594 5.15 -17.46 23.72
CA ASN A 594 4.45 -18.72 23.48
C ASN A 594 5.17 -19.86 24.21
N GLY A 595 4.43 -20.61 25.05
CA GLY A 595 4.94 -21.82 25.67
C GLY A 595 5.69 -21.57 26.98
N VAL A 596 5.70 -20.30 27.45
CA VAL A 596 6.40 -19.91 28.67
C VAL A 596 5.46 -19.11 29.56
N ASP A 597 5.53 -19.32 30.88
CA ASP A 597 4.76 -18.52 31.84
C ASP A 597 5.60 -17.36 32.39
N ASN A 598 4.91 -16.26 32.72
CA ASN A 598 5.45 -15.11 33.46
C ASN A 598 6.56 -14.39 32.71
N LEU A 599 6.48 -14.45 31.36
CA LEU A 599 7.45 -13.80 30.49
C LEU A 599 6.74 -13.10 29.32
N ARG A 600 6.99 -11.80 29.19
CA ARG A 600 6.42 -11.00 28.12
C ARG A 600 7.54 -10.24 27.42
N ILE A 601 7.21 -9.73 26.22
CA ILE A 601 8.11 -8.92 25.42
C ILE A 601 7.23 -7.85 24.78
N VAL A 602 7.59 -6.60 25.04
CA VAL A 602 6.78 -5.44 24.65
C VAL A 602 7.75 -4.39 24.13
N ASP A 603 8.07 -4.42 22.84
CA ASP A 603 9.01 -3.47 22.23
C ASP A 603 8.97 -3.70 20.71
N GLY A 604 9.89 -3.06 20.01
CA GLY A 604 9.96 -3.14 18.55
C GLY A 604 10.24 -4.54 18.00
N SER A 605 10.73 -5.48 18.83
CA SER A 605 10.96 -6.83 18.34
C SER A 605 9.61 -7.52 18.04
N THR A 606 8.48 -6.95 18.54
CA THR A 606 7.18 -7.60 18.42
C THR A 606 6.48 -7.22 17.10
N TYR A 607 6.98 -6.17 16.42
CA TYR A 607 6.28 -5.64 15.23
C TYR A 607 6.59 -6.45 13.98
N ARG A 608 5.54 -6.71 13.20
CA ARG A 608 5.66 -7.18 11.83
C ARG A 608 6.05 -5.99 10.94
N ASP A 609 5.38 -4.84 11.18
CA ASP A 609 5.57 -3.64 10.36
C ASP A 609 5.95 -2.48 11.29
N SER A 610 6.79 -1.56 10.80
CA SER A 610 7.17 -0.40 11.58
C SER A 610 5.98 0.56 11.65
N PRO A 611 5.52 0.97 12.85
CA PRO A 611 4.32 1.80 12.96
C PRO A 611 4.55 3.28 12.64
N GLY A 612 3.61 3.88 11.92
CA GLY A 612 3.70 5.31 11.61
C GLY A 612 4.81 5.59 10.58
N THR A 613 5.09 6.88 10.36
CA THR A 613 6.21 7.24 9.49
C THR A 613 7.52 6.91 10.20
N ASN A 614 7.48 7.04 11.54
CA ASN A 614 8.63 6.85 12.40
C ASN A 614 8.07 6.23 13.68
N PRO A 615 8.72 5.19 14.27
CA PRO A 615 8.03 4.35 15.25
C PRO A 615 8.02 4.76 16.73
N GLN A 616 8.80 5.78 17.13
CA GLN A 616 8.97 6.00 18.57
C GLN A 616 7.62 6.34 19.23
N ALA A 617 6.74 7.09 18.53
CA ALA A 617 5.43 7.45 19.14
C ALA A 617 4.71 6.17 19.56
N THR A 618 4.61 5.21 18.64
CA THR A 618 3.85 4.00 18.88
C THR A 618 4.52 3.11 19.94
N THR A 619 5.87 3.07 19.95
CA THR A 619 6.61 2.24 20.90
C THR A 619 6.40 2.75 22.35
N MET A 620 6.49 4.08 22.56
CA MET A 620 6.22 4.65 23.88
C MET A 620 4.77 4.39 24.27
N MET A 621 3.88 4.61 23.28
CA MET A 621 2.45 4.40 23.49
C MET A 621 2.22 2.97 23.99
N LEU A 622 2.87 1.99 23.32
CA LEU A 622 2.64 0.57 23.59
C LEU A 622 3.09 0.21 24.99
N GLY A 623 4.21 0.76 25.44
CA GLY A 623 4.66 0.54 26.82
C GLY A 623 3.61 1.00 27.84
N ARG A 624 3.11 2.23 27.64
CA ARG A 624 2.04 2.75 28.49
C ARG A 624 0.79 1.87 28.38
N TYR A 625 0.35 1.54 27.16
CA TYR A 625 -0.84 0.72 26.91
C TYR A 625 -0.76 -0.64 27.64
N MET A 626 0.39 -1.33 27.48
CA MET A 626 0.53 -2.63 28.13
C MET A 626 0.65 -2.50 29.64
N GLY A 627 1.24 -1.41 30.13
CA GLY A 627 1.21 -1.08 31.56
C GLY A 627 -0.23 -1.07 32.08
N VAL A 628 -1.08 -0.34 31.38
CA VAL A 628 -2.48 -0.22 31.76
C VAL A 628 -3.19 -1.58 31.67
N LYS A 629 -2.99 -2.31 30.57
CA LYS A 629 -3.64 -3.60 30.38
C LYS A 629 -3.27 -4.57 31.51
N ILE A 630 -2.01 -4.54 31.92
CA ILE A 630 -1.55 -5.43 32.98
C ILE A 630 -2.20 -5.07 34.31
N LEU A 631 -2.28 -3.77 34.60
CA LEU A 631 -2.99 -3.29 35.80
C LEU A 631 -4.45 -3.75 35.77
N GLN A 632 -5.09 -3.64 34.60
CA GLN A 632 -6.50 -3.93 34.40
C GLN A 632 -6.82 -5.42 34.57
N GLU A 633 -5.90 -6.29 34.19
CA GLU A 633 -6.21 -7.71 34.26
C GLU A 633 -6.15 -8.21 35.70
N GLN A 634 -5.92 -7.28 36.66
CA GLN A 634 -5.86 -7.58 38.08
C GLN A 634 -7.18 -7.34 38.81
N ALA A 635 -8.25 -6.99 38.08
CA ALA A 635 -9.62 -7.00 38.58
C ALA A 635 -10.52 -7.71 37.56
N PHE B 118 -31.96 -16.95 -24.93
CA PHE B 118 -31.26 -16.70 -23.64
C PHE B 118 -30.82 -18.03 -23.04
N PRO B 119 -29.51 -18.29 -22.88
CA PRO B 119 -29.07 -19.58 -22.36
C PRO B 119 -29.29 -19.81 -20.88
N PHE B 120 -29.55 -18.74 -20.10
CA PHE B 120 -29.82 -18.90 -18.67
C PHE B 120 -31.29 -18.58 -18.40
N ALA B 121 -31.93 -19.40 -17.57
CA ALA B 121 -33.37 -19.28 -17.36
C ALA B 121 -33.70 -18.01 -16.61
N PHE B 122 -32.71 -17.48 -15.87
CA PHE B 122 -32.92 -16.30 -15.04
C PHE B 122 -32.74 -15.00 -15.82
N MET B 123 -32.34 -15.05 -17.10
CA MET B 123 -32.27 -13.86 -17.91
C MET B 123 -33.70 -13.52 -18.37
N THR B 124 -34.06 -12.24 -18.38
CA THR B 124 -35.43 -11.84 -18.68
C THR B 124 -35.46 -10.44 -19.30
N LEU B 125 -36.55 -10.13 -20.03
CA LEU B 125 -36.84 -8.79 -20.53
C LEU B 125 -38.06 -8.18 -19.82
N ASP B 126 -38.66 -8.93 -18.90
CA ASP B 126 -39.92 -8.59 -18.25
C ASP B 126 -39.65 -7.72 -17.02
N GLY B 127 -39.67 -6.40 -17.24
CA GLY B 127 -39.41 -5.39 -16.21
C GLY B 127 -40.40 -5.44 -15.03
N GLU B 128 -41.66 -5.70 -15.36
CA GLU B 128 -42.71 -5.77 -14.37
C GLU B 128 -42.41 -6.89 -13.36
N ARG B 129 -42.12 -8.10 -13.87
CA ARG B 129 -41.82 -9.23 -12.99
C ARG B 129 -40.59 -8.94 -12.11
N ALA B 130 -39.54 -8.36 -12.71
CA ALA B 130 -38.33 -8.02 -11.99
C ALA B 130 -38.62 -7.00 -10.89
N ALA B 131 -39.47 -6.01 -11.19
CA ALA B 131 -39.67 -4.90 -10.26
C ALA B 131 -40.72 -5.26 -9.20
N ALA B 132 -41.47 -6.37 -9.38
CA ALA B 132 -42.49 -6.73 -8.40
C ALA B 132 -41.87 -7.32 -7.13
N ARG B 133 -40.63 -7.79 -7.24
CA ARG B 133 -39.94 -8.48 -6.15
C ARG B 133 -39.01 -7.49 -5.44
N ARG B 134 -38.63 -7.79 -4.19
CA ARG B 134 -37.58 -7.04 -3.52
C ARG B 134 -36.36 -7.96 -3.44
N TYR B 135 -35.18 -7.34 -3.25
CA TYR B 135 -33.92 -8.05 -3.40
C TYR B 135 -32.94 -7.65 -2.31
N ASP B 136 -32.07 -8.61 -1.95
CA ASP B 136 -31.00 -8.30 -1.02
C ASP B 136 -29.99 -7.35 -1.68
N TYR B 137 -29.71 -7.58 -2.97
CA TYR B 137 -28.74 -6.77 -3.69
C TYR B 137 -29.30 -6.37 -5.05
N ILE B 138 -29.09 -5.10 -5.43
CA ILE B 138 -29.40 -4.67 -6.78
C ILE B 138 -28.07 -4.27 -7.39
N VAL B 139 -27.71 -4.94 -8.47
CA VAL B 139 -26.41 -4.69 -9.11
C VAL B 139 -26.69 -4.00 -10.45
N VAL B 140 -26.21 -2.75 -10.59
CA VAL B 140 -26.55 -1.99 -11.78
C VAL B 140 -25.37 -2.11 -12.76
N GLY B 141 -25.62 -2.76 -13.90
CA GLY B 141 -24.62 -2.95 -14.96
C GLY B 141 -24.05 -4.37 -14.92
N GLY B 142 -24.42 -5.20 -15.91
CA GLY B 142 -23.95 -6.59 -15.93
C GLY B 142 -22.71 -6.70 -16.81
N GLY B 143 -21.63 -6.02 -16.40
CA GLY B 143 -20.37 -5.94 -17.13
C GLY B 143 -19.29 -6.83 -16.52
N ALA B 144 -18.04 -6.40 -16.66
CA ALA B 144 -16.89 -7.21 -16.25
C ALA B 144 -16.92 -7.47 -14.73
N ALA B 145 -17.20 -6.43 -13.92
CA ALA B 145 -17.34 -6.60 -12.47
C ALA B 145 -18.72 -7.15 -12.07
N GLY B 146 -19.79 -6.63 -12.69
CA GLY B 146 -21.13 -6.90 -12.21
C GLY B 146 -21.54 -8.38 -12.34
N CYS B 147 -21.15 -9.06 -13.43
CA CYS B 147 -21.56 -10.44 -13.62
C CYS B 147 -21.02 -11.36 -12.49
N PRO B 148 -19.68 -11.44 -12.27
CA PRO B 148 -19.17 -12.33 -11.22
C PRO B 148 -19.62 -11.89 -9.82
N LEU B 149 -19.73 -10.56 -9.59
CA LEU B 149 -20.24 -10.07 -8.31
C LEU B 149 -21.63 -10.66 -8.03
N ALA B 150 -22.55 -10.51 -9.00
CA ALA B 150 -23.93 -10.95 -8.85
C ALA B 150 -23.98 -12.48 -8.71
N ALA B 151 -23.21 -13.21 -9.53
CA ALA B 151 -23.17 -14.66 -9.45
C ALA B 151 -22.78 -15.12 -8.04
N THR B 152 -21.74 -14.44 -7.47
CA THR B 152 -21.23 -14.83 -6.16
C THR B 152 -22.27 -14.53 -5.07
N LEU B 153 -22.81 -13.30 -5.07
CA LEU B 153 -23.79 -12.92 -4.08
C LEU B 153 -25.00 -13.86 -4.10
N SER B 154 -25.38 -14.35 -5.28
CA SER B 154 -26.62 -15.10 -5.44
C SER B 154 -26.57 -16.46 -4.73
N THR B 155 -25.38 -16.92 -4.35
CA THR B 155 -25.28 -18.21 -3.66
C THR B 155 -25.96 -18.13 -2.29
N ARG B 156 -25.97 -16.93 -1.69
CA ARG B 156 -26.58 -16.77 -0.38
C ARG B 156 -27.81 -15.86 -0.41
N TYR B 157 -27.87 -14.87 -1.32
CA TYR B 157 -28.85 -13.80 -1.20
C TYR B 157 -29.56 -13.56 -2.53
N SER B 158 -30.72 -12.88 -2.51
CA SER B 158 -31.45 -12.56 -3.73
C SER B 158 -30.76 -11.38 -4.41
N VAL B 159 -30.59 -11.45 -5.75
CA VAL B 159 -29.84 -10.42 -6.44
C VAL B 159 -30.61 -10.07 -7.71
N LEU B 160 -30.76 -8.77 -7.98
CA LEU B 160 -31.23 -8.32 -9.30
C LEU B 160 -30.07 -7.65 -10.04
N VAL B 161 -29.80 -8.10 -11.25
CA VAL B 161 -28.87 -7.41 -12.12
C VAL B 161 -29.70 -6.61 -13.13
N LEU B 162 -29.39 -5.33 -13.28
CA LEU B 162 -30.02 -4.53 -14.33
C LEU B 162 -28.95 -4.13 -15.34
N GLU B 163 -29.15 -4.56 -16.58
CA GLU B 163 -28.19 -4.29 -17.64
C GLU B 163 -28.92 -3.56 -18.78
N ARG B 164 -28.37 -2.42 -19.20
CA ARG B 164 -29.03 -1.56 -20.19
C ARG B 164 -29.03 -2.21 -21.56
N GLY B 165 -28.02 -3.05 -21.86
CA GLY B 165 -27.95 -3.66 -23.19
C GLY B 165 -28.63 -5.02 -23.24
N GLY B 166 -28.53 -5.68 -24.42
CA GLY B 166 -29.10 -6.99 -24.66
C GLY B 166 -28.11 -8.11 -24.32
N SER B 167 -28.38 -9.29 -24.90
CA SER B 167 -27.62 -10.51 -24.63
C SER B 167 -26.41 -10.58 -25.58
N PRO B 168 -25.23 -11.06 -25.13
CA PRO B 168 -24.10 -11.20 -26.05
C PRO B 168 -24.19 -12.49 -26.87
N TYR B 169 -25.07 -13.40 -26.48
CA TYR B 169 -25.14 -14.75 -27.01
C TYR B 169 -25.85 -14.73 -28.37
N GLY B 170 -25.34 -15.55 -29.32
CA GLY B 170 -25.91 -15.68 -30.66
C GLY B 170 -25.69 -14.41 -31.48
N ASN B 171 -24.61 -13.68 -31.17
CA ASN B 171 -24.18 -12.53 -31.94
C ASN B 171 -22.77 -12.83 -32.47
N PRO B 172 -22.62 -13.22 -33.75
CA PRO B 172 -21.31 -13.57 -34.29
C PRO B 172 -20.25 -12.46 -34.15
N ASP B 173 -20.67 -11.19 -34.10
CA ASP B 173 -19.76 -10.06 -33.94
C ASP B 173 -19.12 -10.07 -32.54
N ILE B 174 -19.73 -10.82 -31.63
CA ILE B 174 -19.28 -10.96 -30.23
C ILE B 174 -18.61 -12.32 -30.07
N GLN B 175 -19.23 -13.39 -30.57
CA GLN B 175 -18.68 -14.74 -30.39
C GLN B 175 -17.33 -14.93 -31.08
N ASN B 176 -17.12 -14.32 -32.25
CA ASN B 176 -15.93 -14.63 -33.06
C ASN B 176 -14.83 -13.62 -32.78
N ALA B 177 -13.70 -14.12 -32.27
CA ALA B 177 -12.50 -13.31 -32.09
C ALA B 177 -12.19 -12.45 -33.32
N ASP B 178 -12.28 -13.05 -34.52
CA ASP B 178 -11.80 -12.40 -35.73
C ASP B 178 -12.79 -11.31 -36.21
N ALA B 179 -13.91 -11.14 -35.49
CA ALA B 179 -14.80 -10.00 -35.70
C ALA B 179 -14.46 -8.84 -34.76
N TYR B 180 -13.43 -9.00 -33.91
CA TYR B 180 -13.07 -7.95 -32.96
C TYR B 180 -12.88 -6.62 -33.72
N GLY B 181 -13.66 -5.61 -33.33
CA GLY B 181 -13.62 -4.26 -33.87
C GLY B 181 -14.83 -3.91 -34.75
N LYS B 182 -15.51 -4.94 -35.26
CA LYS B 182 -16.65 -4.70 -36.16
C LYS B 182 -17.71 -3.85 -35.45
N VAL B 183 -18.02 -4.18 -34.19
CA VAL B 183 -19.13 -3.50 -33.48
C VAL B 183 -18.78 -2.03 -33.33
N LEU B 184 -17.48 -1.71 -33.30
CA LEU B 184 -17.03 -0.35 -33.04
C LEU B 184 -17.32 0.54 -34.24
N LEU B 185 -17.63 -0.08 -35.39
CA LEU B 185 -17.88 0.65 -36.62
C LEU B 185 -19.39 0.75 -36.89
N GLU B 186 -20.20 0.11 -36.05
CA GLU B 186 -21.63 -0.05 -36.30
C GLU B 186 -22.44 0.47 -35.12
N THR B 187 -21.96 1.52 -34.45
CA THR B 187 -22.64 2.01 -33.27
C THR B 187 -23.86 2.83 -33.69
N ASP B 188 -24.90 2.86 -32.82
CA ASP B 188 -26.13 3.64 -32.90
C ASP B 188 -26.22 4.53 -31.67
N ASN B 189 -27.28 5.34 -31.61
CA ASN B 189 -27.42 6.19 -30.43
C ASN B 189 -27.70 5.38 -29.17
N TYR B 190 -28.56 4.35 -29.28
CA TYR B 190 -29.23 3.82 -28.10
C TYR B 190 -29.23 2.29 -27.97
N THR B 191 -28.90 1.54 -29.04
CA THR B 191 -29.24 0.14 -29.12
C THR B 191 -28.00 -0.78 -29.26
N SER B 192 -26.96 -0.29 -29.93
CA SER B 192 -25.86 -1.12 -30.41
C SER B 192 -25.01 -1.61 -29.25
N PRO B 193 -24.39 -2.81 -29.33
CA PRO B 193 -23.55 -3.31 -28.25
C PRO B 193 -22.31 -2.51 -27.87
N ALA B 194 -21.82 -1.66 -28.79
CA ALA B 194 -20.85 -0.62 -28.45
C ALA B 194 -21.52 0.73 -28.58
N GLN B 195 -21.20 1.61 -27.64
CA GLN B 195 -21.65 2.99 -27.67
C GLN B 195 -20.43 3.87 -27.81
N ALA B 196 -20.38 4.60 -28.93
CA ALA B 196 -19.27 5.51 -29.19
C ALA B 196 -19.40 6.71 -28.26
N PHE B 197 -18.24 7.33 -27.97
CA PHE B 197 -18.20 8.65 -27.36
C PHE B 197 -16.89 9.32 -27.81
N ILE B 198 -16.80 10.64 -27.59
CA ILE B 198 -15.58 11.38 -27.89
C ILE B 198 -15.29 12.27 -26.69
N SER B 199 -14.05 12.24 -26.18
CA SER B 199 -13.70 13.06 -25.04
C SER B 199 -13.69 14.55 -25.45
N GLU B 200 -13.72 15.45 -24.46
CA GLU B 200 -13.69 16.89 -24.70
C GLU B 200 -12.37 17.28 -25.34
N ASP B 201 -11.37 16.37 -25.29
CA ASP B 201 -10.06 16.58 -25.89
C ASP B 201 -10.14 16.30 -27.39
N GLY B 202 -11.23 15.66 -27.86
CA GLY B 202 -11.32 15.27 -29.25
C GLY B 202 -10.88 13.83 -29.53
N VAL B 203 -10.72 12.99 -28.50
CA VAL B 203 -10.24 11.63 -28.70
C VAL B 203 -11.42 10.67 -28.69
N SER B 204 -11.64 10.00 -29.84
CA SER B 204 -12.77 9.09 -30.03
C SER B 204 -12.55 7.81 -29.20
N SER B 205 -13.66 7.24 -28.74
CA SER B 205 -13.61 6.08 -27.86
C SER B 205 -14.94 5.32 -27.94
N ALA B 206 -15.10 4.32 -27.04
CA ALA B 206 -16.32 3.54 -27.02
C ALA B 206 -16.40 2.84 -25.67
N ARG B 207 -17.62 2.49 -25.27
CA ARG B 207 -17.87 1.66 -24.09
C ARG B 207 -18.92 0.61 -24.46
N ALA B 208 -18.95 -0.51 -23.72
CA ALA B 208 -19.91 -1.56 -24.00
C ALA B 208 -21.32 -1.15 -23.56
N ARG B 209 -22.30 -1.75 -24.25
CA ARG B 209 -23.73 -1.65 -23.96
C ARG B 209 -24.33 -3.03 -24.26
N VAL B 210 -23.97 -4.02 -23.43
CA VAL B 210 -24.40 -5.41 -23.62
C VAL B 210 -24.03 -6.16 -22.36
N LEU B 211 -24.79 -7.21 -22.03
CA LEU B 211 -24.47 -8.06 -20.89
C LEU B 211 -23.09 -8.66 -21.15
N GLY B 212 -22.21 -8.65 -20.12
CA GLY B 212 -20.80 -8.97 -20.31
C GLY B 212 -19.92 -7.73 -20.38
N GLY B 213 -20.53 -6.57 -20.65
CA GLY B 213 -19.77 -5.31 -20.67
C GLY B 213 -18.59 -5.33 -21.66
N GLY B 214 -17.47 -4.70 -21.28
CA GLY B 214 -16.31 -4.58 -22.14
C GLY B 214 -15.83 -5.92 -22.68
N THR B 215 -16.03 -6.99 -21.91
CA THR B 215 -15.57 -8.33 -22.25
C THR B 215 -16.24 -8.85 -23.52
N ALA B 216 -17.39 -8.24 -23.90
CA ALA B 216 -18.06 -8.66 -25.11
C ALA B 216 -17.44 -8.04 -26.36
N ILE B 217 -16.72 -6.92 -26.22
CA ILE B 217 -16.32 -6.12 -27.38
C ILE B 217 -14.82 -5.85 -27.41
N ASN B 218 -14.06 -6.37 -26.43
CA ASN B 218 -12.66 -5.98 -26.27
C ASN B 218 -11.73 -6.89 -27.08
N ALA B 219 -10.42 -6.60 -27.04
CA ALA B 219 -9.41 -7.35 -27.79
C ALA B 219 -9.07 -8.67 -27.07
N GLY B 220 -9.70 -8.91 -25.92
CA GLY B 220 -9.66 -10.24 -25.32
C GLY B 220 -8.43 -10.55 -24.46
N PHE B 221 -7.44 -9.63 -24.39
CA PHE B 221 -6.17 -9.93 -23.72
C PHE B 221 -6.37 -9.97 -22.21
N TYR B 222 -5.79 -11.00 -21.55
CA TYR B 222 -6.02 -11.29 -20.14
C TYR B 222 -4.65 -11.29 -19.45
N SER B 223 -4.48 -10.40 -18.48
CA SER B 223 -3.23 -10.25 -17.74
C SER B 223 -3.53 -9.64 -16.38
N ARG B 224 -2.93 -10.18 -15.30
CA ARG B 224 -3.26 -9.79 -13.93
C ARG B 224 -2.60 -8.47 -13.50
N ALA B 225 -3.09 -7.90 -12.39
CA ALA B 225 -2.43 -6.74 -11.81
C ALA B 225 -1.16 -7.20 -11.11
N SER B 226 -0.20 -6.27 -10.99
CA SER B 226 1.06 -6.54 -10.29
C SER B 226 0.87 -6.70 -8.79
N SER B 227 1.88 -7.31 -8.14
CA SER B 227 1.86 -7.42 -6.69
C SER B 227 1.93 -6.01 -6.06
N ASP B 228 2.60 -5.06 -6.72
CA ASP B 228 2.57 -3.67 -6.28
C ASP B 228 1.12 -3.17 -6.25
N TYR B 229 0.41 -3.37 -7.36
CA TYR B 229 -0.95 -2.84 -7.49
C TYR B 229 -1.88 -3.43 -6.43
N VAL B 230 -1.82 -4.77 -6.30
CA VAL B 230 -2.66 -5.52 -5.37
C VAL B 230 -2.52 -5.02 -3.93
N SER B 231 -1.26 -4.85 -3.51
CA SER B 231 -0.91 -4.38 -2.18
C SER B 231 -1.28 -2.91 -2.03
N ASN B 232 -1.05 -2.09 -3.07
CA ASN B 232 -1.44 -0.68 -2.96
C ASN B 232 -2.96 -0.55 -2.81
N ALA B 233 -3.72 -1.43 -3.48
CA ALA B 233 -5.18 -1.40 -3.40
C ALA B 233 -5.70 -1.90 -2.05
N GLY B 234 -4.81 -2.53 -1.27
CA GLY B 234 -5.10 -3.01 0.07
C GLY B 234 -5.91 -4.31 0.04
N TRP B 235 -5.93 -4.99 -1.10
CA TRP B 235 -6.68 -6.24 -1.22
C TRP B 235 -5.98 -7.36 -0.48
N ASP B 236 -6.76 -8.34 -0.01
CA ASP B 236 -6.23 -9.56 0.59
C ASP B 236 -5.61 -10.42 -0.50
N GLU B 237 -4.30 -10.68 -0.42
CA GLU B 237 -3.56 -11.36 -1.48
C GLU B 237 -4.14 -12.74 -1.78
N GLY B 238 -4.45 -13.51 -0.72
CA GLY B 238 -4.92 -14.86 -0.94
C GLY B 238 -6.27 -14.88 -1.67
N LEU B 239 -7.18 -13.99 -1.28
CA LEU B 239 -8.49 -13.94 -1.92
C LEU B 239 -8.37 -13.39 -3.35
N VAL B 240 -7.46 -12.43 -3.58
CA VAL B 240 -7.23 -11.96 -4.96
C VAL B 240 -6.81 -13.16 -5.82
N GLU B 241 -5.80 -13.93 -5.36
CA GLU B 241 -5.34 -15.10 -6.08
C GLU B 241 -6.48 -16.09 -6.35
N GLU B 242 -7.28 -16.44 -5.33
CA GLU B 242 -8.40 -17.35 -5.55
C GLU B 242 -9.43 -16.78 -6.53
N SER B 243 -9.65 -15.46 -6.47
CA SER B 243 -10.66 -14.83 -7.30
C SER B 243 -10.22 -14.79 -8.77
N TYR B 244 -8.94 -14.47 -9.03
CA TYR B 244 -8.41 -14.62 -10.37
C TYR B 244 -8.57 -16.06 -10.83
N GLU B 245 -8.18 -17.03 -9.99
CA GLU B 245 -8.23 -18.43 -10.44
C GLU B 245 -9.66 -18.87 -10.77
N TRP B 246 -10.63 -18.33 -10.02
CA TRP B 246 -12.03 -18.69 -10.20
C TRP B 246 -12.51 -18.17 -11.56
N VAL B 247 -12.09 -16.94 -11.92
CA VAL B 247 -12.42 -16.42 -13.24
C VAL B 247 -11.70 -17.23 -14.32
N GLU B 248 -10.40 -17.48 -14.11
CA GLU B 248 -9.57 -18.04 -15.18
C GLU B 248 -10.04 -19.45 -15.58
N LYS B 249 -10.51 -20.23 -14.60
CA LYS B 249 -10.94 -21.59 -14.90
C LYS B 249 -12.18 -21.57 -15.80
N GLN B 250 -12.90 -20.44 -15.83
CA GLN B 250 -14.07 -20.31 -16.69
C GLN B 250 -13.70 -19.63 -18.02
N ASN B 251 -12.95 -18.51 -17.98
CA ASN B 251 -12.92 -17.57 -19.11
C ASN B 251 -11.51 -17.31 -19.66
N ALA B 252 -10.44 -17.83 -19.03
CA ALA B 252 -9.11 -17.50 -19.55
C ALA B 252 -8.45 -18.72 -20.19
N PHE B 253 -7.70 -18.49 -21.28
CA PHE B 253 -7.08 -19.58 -22.04
C PHE B 253 -5.61 -19.29 -22.32
N LYS B 254 -4.78 -20.28 -21.97
CA LYS B 254 -3.35 -20.27 -22.28
C LYS B 254 -3.20 -20.65 -23.75
N PRO B 255 -2.51 -19.86 -24.61
CA PRO B 255 -2.37 -20.22 -26.03
C PRO B 255 -1.56 -21.52 -26.15
N GLN B 256 -1.99 -22.41 -27.03
CA GLN B 256 -1.30 -23.68 -27.25
C GLN B 256 -0.03 -23.47 -28.09
N HIS B 257 -0.13 -22.55 -29.06
N HIS B 257 -0.13 -22.60 -29.10
CA HIS B 257 0.96 -22.19 -29.96
CA HIS B 257 1.01 -22.17 -29.89
C HIS B 257 0.83 -20.73 -30.37
C HIS B 257 0.85 -20.69 -30.22
N LEU B 258 1.97 -20.04 -30.55
CA LEU B 258 1.98 -18.64 -30.96
C LEU B 258 1.73 -18.52 -32.46
N SER B 259 1.00 -17.46 -32.85
CA SER B 259 0.94 -17.11 -34.26
C SER B 259 2.33 -16.69 -34.76
N PRO B 260 2.58 -16.71 -36.08
CA PRO B 260 3.84 -16.17 -36.62
C PRO B 260 4.08 -14.70 -36.26
N TRP B 261 3.00 -13.91 -36.15
CA TRP B 261 3.07 -12.51 -35.76
C TRP B 261 3.52 -12.41 -34.30
N SER B 262 2.86 -13.15 -33.41
CA SER B 262 3.25 -13.19 -31.99
C SER B 262 4.70 -13.63 -31.80
N SER B 263 5.10 -14.69 -32.52
CA SER B 263 6.48 -15.19 -32.47
C SER B 263 7.50 -14.10 -32.78
N ALA B 264 7.22 -13.37 -33.84
CA ALA B 264 8.15 -12.34 -34.29
C ALA B 264 8.21 -11.21 -33.28
N ILE B 265 7.03 -10.78 -32.77
CA ILE B 265 6.97 -9.68 -31.81
C ILE B 265 7.66 -10.11 -30.52
N ARG B 266 7.39 -11.33 -30.03
CA ARG B 266 8.09 -11.84 -28.83
C ARG B 266 9.62 -11.84 -29.03
N ASP B 267 10.08 -12.47 -30.12
CA ASP B 267 11.51 -12.53 -30.39
C ASP B 267 12.09 -11.12 -30.50
N GLY B 268 11.36 -10.24 -31.22
CA GLY B 268 11.85 -8.89 -31.42
C GLY B 268 11.91 -8.09 -30.12
N LEU B 269 10.87 -8.19 -29.25
CA LEU B 269 10.92 -7.46 -27.99
C LEU B 269 12.15 -7.87 -27.17
N VAL B 270 12.47 -9.17 -27.18
CA VAL B 270 13.62 -9.66 -26.45
C VAL B 270 14.90 -9.08 -27.07
N GLU B 271 14.99 -9.08 -28.41
CA GLU B 271 16.15 -8.50 -29.08
C GLU B 271 16.26 -7.01 -28.83
N ALA B 272 15.12 -6.32 -28.64
CA ALA B 272 15.13 -4.89 -28.37
C ALA B 272 15.41 -4.60 -26.89
N GLY B 273 15.62 -5.66 -26.09
CA GLY B 273 16.08 -5.44 -24.71
C GLY B 273 14.91 -5.24 -23.74
N VAL B 274 13.70 -5.66 -24.13
CA VAL B 274 12.57 -5.61 -23.20
C VAL B 274 12.63 -6.90 -22.38
N LEU B 275 13.46 -6.84 -21.32
CA LEU B 275 13.88 -8.03 -20.60
C LEU B 275 13.46 -7.92 -19.14
N PRO B 276 13.41 -9.02 -18.37
CA PRO B 276 13.69 -10.36 -18.89
C PRO B 276 12.60 -10.93 -19.78
N TYR B 277 12.89 -12.05 -20.45
CA TYR B 277 11.87 -12.87 -21.09
C TYR B 277 11.23 -13.78 -20.04
N ASN B 278 9.90 -13.66 -19.89
CA ASN B 278 9.19 -14.33 -18.80
C ASN B 278 8.39 -15.56 -19.26
N GLY B 279 8.52 -15.94 -20.55
CA GLY B 279 7.74 -17.02 -21.12
C GLY B 279 6.24 -16.71 -20.95
N TYR B 280 5.43 -17.75 -20.75
CA TYR B 280 3.99 -17.59 -20.53
C TYR B 280 3.75 -17.40 -19.04
N THR B 281 3.01 -16.33 -18.68
CA THR B 281 2.60 -16.12 -17.30
C THR B 281 1.41 -15.15 -17.27
N LEU B 282 0.51 -15.35 -16.31
CA LEU B 282 -0.62 -14.45 -16.07
C LEU B 282 -0.14 -13.21 -15.33
N ASP B 283 1.05 -13.28 -14.72
CA ASP B 283 1.49 -12.26 -13.77
C ASP B 283 2.03 -11.03 -14.50
N HIS B 284 2.00 -9.88 -13.79
CA HIS B 284 2.53 -8.61 -14.30
C HIS B 284 3.98 -8.49 -13.86
N LEU B 285 4.91 -8.78 -14.79
CA LEU B 285 6.34 -8.72 -14.50
C LEU B 285 7.00 -7.86 -15.56
N ASP B 286 7.99 -7.07 -15.14
CA ASP B 286 8.84 -6.38 -16.12
C ASP B 286 9.37 -7.38 -17.14
N GLY B 287 9.35 -6.99 -18.42
CA GLY B 287 9.93 -7.81 -19.47
C GLY B 287 8.88 -8.29 -20.46
N THR B 288 9.26 -9.27 -21.30
CA THR B 288 8.41 -9.70 -22.40
C THR B 288 7.72 -11.00 -21.98
N LYS B 289 6.41 -11.13 -22.25
CA LYS B 289 5.75 -12.38 -21.93
C LYS B 289 4.67 -12.72 -22.96
N ILE B 290 4.28 -13.99 -22.91
CA ILE B 290 3.02 -14.49 -23.48
C ILE B 290 2.00 -14.42 -22.36
N SER B 291 0.76 -14.00 -22.65
CA SER B 291 -0.29 -14.07 -21.64
C SER B 291 -1.54 -14.74 -22.21
N ALA B 292 -2.57 -14.87 -21.34
CA ALA B 292 -3.81 -15.53 -21.73
C ALA B 292 -4.72 -14.58 -22.51
N SER B 293 -5.81 -15.17 -23.01
CA SER B 293 -6.88 -14.46 -23.70
C SER B 293 -8.20 -15.03 -23.21
N ILE B 294 -9.29 -14.27 -23.37
CA ILE B 294 -10.64 -14.81 -23.20
C ILE B 294 -11.14 -15.42 -24.51
N PHE B 295 -10.29 -15.43 -25.54
CA PHE B 295 -10.58 -16.22 -26.75
C PHE B 295 -10.01 -17.62 -26.58
N ASP B 296 -10.85 -18.64 -26.86
CA ASP B 296 -10.41 -20.01 -26.70
C ASP B 296 -9.68 -20.53 -27.96
N SER B 297 -9.31 -21.81 -27.95
CA SER B 297 -8.53 -22.41 -29.04
C SER B 297 -9.32 -22.51 -30.35
N LYS B 298 -10.67 -22.34 -30.29
CA LYS B 298 -11.53 -22.34 -31.47
C LYS B 298 -11.82 -20.91 -31.95
N GLY B 299 -11.15 -19.92 -31.35
CA GLY B 299 -11.34 -18.53 -31.76
C GLY B 299 -12.69 -17.96 -31.29
N LYS B 300 -13.26 -18.56 -30.23
CA LYS B 300 -14.52 -18.12 -29.63
C LYS B 300 -14.31 -17.36 -28.31
N ARG B 301 -15.07 -16.27 -28.15
CA ARG B 301 -14.96 -15.35 -27.03
C ARG B 301 -15.77 -15.87 -25.84
N HIS B 302 -15.16 -15.85 -24.65
CA HIS B 302 -15.83 -16.12 -23.39
C HIS B 302 -15.99 -14.81 -22.62
N THR B 303 -17.21 -14.24 -22.62
CA THR B 303 -17.48 -12.94 -22.00
C THR B 303 -17.79 -13.16 -20.52
N ALA B 304 -17.83 -12.05 -19.75
CA ALA B 304 -18.11 -12.08 -18.32
C ALA B 304 -19.51 -12.60 -18.05
N ALA B 305 -20.39 -12.59 -19.07
CA ALA B 305 -21.74 -13.12 -18.90
C ALA B 305 -21.66 -14.62 -18.57
N ASP B 306 -20.61 -15.31 -19.07
CA ASP B 306 -20.47 -16.72 -18.75
C ASP B 306 -20.25 -16.93 -17.24
N LEU B 307 -19.76 -15.89 -16.56
CA LEU B 307 -19.51 -15.99 -15.13
C LEU B 307 -20.82 -16.04 -14.34
N LEU B 308 -21.97 -15.88 -15.03
CA LEU B 308 -23.28 -16.08 -14.41
C LEU B 308 -23.62 -17.56 -14.27
N LYS B 309 -22.84 -18.43 -14.91
CA LYS B 309 -23.17 -19.85 -14.97
C LYS B 309 -23.37 -20.44 -13.58
N SER B 310 -22.55 -20.07 -12.61
CA SER B 310 -22.67 -20.68 -11.29
C SER B 310 -23.65 -19.94 -10.37
N ALA B 311 -24.37 -18.93 -10.87
CA ALA B 311 -25.32 -18.21 -10.04
C ALA B 311 -26.42 -19.18 -9.58
N ASN B 312 -27.02 -18.90 -8.43
CA ASN B 312 -28.14 -19.69 -7.94
C ASN B 312 -29.41 -19.21 -8.63
N PRO B 313 -30.07 -20.01 -9.50
CA PRO B 313 -31.25 -19.54 -10.23
C PRO B 313 -32.49 -19.23 -9.40
N ASP B 314 -32.51 -19.62 -8.13
CA ASP B 314 -33.62 -19.29 -7.26
C ASP B 314 -33.44 -17.88 -6.70
N ASN B 315 -32.23 -17.33 -6.82
CA ASN B 315 -31.88 -16.10 -6.12
C ASN B 315 -31.58 -14.97 -7.10
N ILE B 316 -31.19 -15.28 -8.34
CA ILE B 316 -30.80 -14.20 -9.24
C ILE B 316 -31.86 -13.93 -10.30
N VAL B 317 -32.00 -12.65 -10.68
CA VAL B 317 -32.75 -12.23 -11.84
C VAL B 317 -31.81 -11.31 -12.64
N VAL B 318 -31.70 -11.57 -13.95
CA VAL B 318 -30.88 -10.73 -14.81
C VAL B 318 -31.81 -10.10 -15.83
N LEU B 319 -32.12 -8.82 -15.61
CA LEU B 319 -33.00 -8.07 -16.50
C LEU B 319 -32.17 -7.28 -17.52
N LEU B 320 -32.43 -7.57 -18.80
CA LEU B 320 -31.79 -6.92 -19.94
C LEU B 320 -32.65 -5.79 -20.47
N ASN B 321 -32.01 -4.88 -21.21
CA ASN B 321 -32.65 -3.71 -21.77
C ASN B 321 -33.30 -2.88 -20.64
N ALA B 322 -32.52 -2.68 -19.57
CA ALA B 322 -32.98 -2.00 -18.37
C ALA B 322 -31.96 -0.92 -18.03
N THR B 323 -32.27 0.32 -18.40
CA THR B 323 -31.36 1.44 -18.13
C THR B 323 -31.78 2.06 -16.79
N VAL B 324 -30.88 2.01 -15.81
CA VAL B 324 -31.14 2.62 -14.52
C VAL B 324 -30.95 4.12 -14.68
N SER B 325 -31.93 4.91 -14.18
CA SER B 325 -31.93 6.35 -14.28
CA SER B 325 -31.94 6.36 -14.28
C SER B 325 -31.54 7.03 -12.97
N ARG B 326 -31.71 6.33 -11.83
CA ARG B 326 -31.30 6.92 -10.56
C ARG B 326 -31.40 5.88 -9.44
N VAL B 327 -30.56 6.07 -8.42
CA VAL B 327 -30.66 5.37 -7.15
C VAL B 327 -31.71 6.13 -6.34
N LEU B 328 -32.57 5.37 -5.65
CA LEU B 328 -33.58 5.94 -4.76
C LEU B 328 -33.09 5.89 -3.31
N PHE B 329 -33.57 6.85 -2.50
CA PHE B 329 -33.18 6.94 -1.10
C PHE B 329 -34.43 6.99 -0.21
N ASN B 330 -34.28 6.52 1.04
CA ASN B 330 -35.35 6.61 2.02
C ASN B 330 -35.63 8.08 2.32
N SER B 331 -36.91 8.43 2.47
CA SER B 331 -37.34 9.83 2.47
C SER B 331 -36.67 10.65 3.60
N LYS B 343 -27.67 9.85 7.79
CA LYS B 343 -27.14 9.78 6.41
C LYS B 343 -28.20 9.26 5.43
N PRO B 344 -28.19 9.75 4.17
CA PRO B 344 -29.01 9.14 3.13
C PRO B 344 -28.74 7.64 3.07
N ARG B 345 -29.82 6.89 2.80
CA ARG B 345 -29.80 5.45 2.78
C ARG B 345 -30.44 5.00 1.46
N ALA B 346 -29.64 4.32 0.62
CA ALA B 346 -30.18 3.85 -0.64
C ALA B 346 -31.26 2.80 -0.38
N SER B 347 -32.35 2.84 -1.15
CA SER B 347 -33.49 1.98 -0.88
C SER B 347 -33.85 1.16 -2.12
N GLY B 348 -33.30 1.52 -3.29
CA GLY B 348 -33.64 0.86 -4.54
C GLY B 348 -33.17 1.68 -5.73
N VAL B 349 -33.72 1.38 -6.92
CA VAL B 349 -33.37 2.14 -8.13
C VAL B 349 -34.62 2.30 -8.99
N GLU B 350 -34.56 3.32 -9.87
CA GLU B 350 -35.53 3.43 -10.94
C GLU B 350 -34.84 3.06 -12.27
N PHE B 351 -35.56 2.32 -13.12
CA PHE B 351 -35.01 1.95 -14.42
C PHE B 351 -36.08 2.05 -15.50
N MET B 352 -35.62 2.21 -16.74
CA MET B 352 -36.49 2.20 -17.88
C MET B 352 -36.22 0.97 -18.72
N ASP B 353 -37.31 0.25 -19.04
CA ASP B 353 -37.16 -0.97 -19.80
C ASP B 353 -37.13 -0.63 -21.29
N GLY B 354 -37.07 -1.67 -22.12
CA GLY B 354 -36.88 -1.45 -23.55
C GLY B 354 -38.11 -0.85 -24.21
N HIS B 355 -39.26 -0.91 -23.51
CA HIS B 355 -40.56 -0.57 -24.05
C HIS B 355 -41.02 0.80 -23.54
N GLY B 356 -40.10 1.57 -22.94
CA GLY B 356 -40.37 2.91 -22.46
C GLY B 356 -41.18 2.93 -21.15
N ARG B 357 -41.15 1.82 -20.38
CA ARG B 357 -41.79 1.78 -19.06
C ARG B 357 -40.74 1.95 -17.97
N SER B 358 -41.01 2.86 -17.02
CA SER B 358 -40.07 3.11 -15.94
C SER B 358 -40.64 2.50 -14.66
N TYR B 359 -39.83 1.65 -14.01
CA TYR B 359 -40.24 1.01 -12.77
C TYR B 359 -39.29 1.38 -11.64
N GLN B 360 -39.80 1.42 -10.42
CA GLN B 360 -38.96 1.47 -9.24
C GLN B 360 -38.89 0.06 -8.64
N VAL B 361 -37.69 -0.34 -8.21
CA VAL B 361 -37.51 -1.67 -7.63
C VAL B 361 -36.72 -1.47 -6.33
N PHE B 362 -37.04 -2.24 -5.28
CA PHE B 362 -36.57 -1.90 -3.95
C PHE B 362 -35.76 -3.04 -3.31
N LEU B 363 -34.89 -2.61 -2.40
CA LEU B 363 -34.16 -3.50 -1.51
C LEU B 363 -35.13 -4.15 -0.54
N ASN B 364 -34.78 -5.38 -0.16
CA ASN B 364 -35.52 -6.18 0.80
C ASN B 364 -35.82 -5.39 2.09
N GLU B 365 -34.82 -4.76 2.70
CA GLU B 365 -34.94 -4.32 4.09
C GLU B 365 -34.74 -5.56 5.00
N LYS B 384 -20.36 -5.27 11.76
CA LYS B 384 -19.90 -5.36 10.36
C LYS B 384 -21.04 -5.22 9.36
N PRO B 385 -22.09 -6.09 9.36
CA PRO B 385 -22.97 -6.27 8.20
C PRO B 385 -24.15 -5.31 7.95
N LYS B 386 -24.30 -4.90 6.69
CA LYS B 386 -25.05 -3.70 6.34
C LYS B 386 -26.51 -4.00 5.99
N GLY B 387 -26.85 -5.29 5.83
CA GLY B 387 -28.15 -5.62 5.26
C GLY B 387 -28.15 -5.40 3.75
N PRO B 388 -29.31 -5.18 3.10
CA PRO B 388 -29.37 -5.09 1.63
C PRO B 388 -28.67 -3.87 1.09
N GLU B 389 -28.21 -3.93 -0.17
CA GLU B 389 -27.41 -2.85 -0.73
C GLU B 389 -27.62 -2.76 -2.25
N VAL B 390 -27.56 -1.53 -2.74
CA VAL B 390 -27.42 -1.23 -4.17
C VAL B 390 -25.92 -1.15 -4.42
N ILE B 391 -25.49 -1.80 -5.50
CA ILE B 391 -24.09 -1.78 -5.90
C ILE B 391 -24.06 -1.39 -7.37
N LEU B 392 -23.40 -0.27 -7.66
CA LEU B 392 -23.24 0.18 -9.04
C LEU B 392 -22.00 -0.48 -9.61
N THR B 393 -22.17 -1.10 -10.79
CA THR B 393 -21.10 -1.71 -11.56
C THR B 393 -21.29 -1.28 -13.01
N ALA B 394 -21.61 0.01 -13.19
CA ALA B 394 -22.01 0.58 -14.48
C ALA B 394 -20.84 1.16 -15.24
N GLY B 395 -19.61 0.94 -14.75
CA GLY B 395 -18.42 1.27 -15.52
C GLY B 395 -17.90 2.68 -15.21
N ALA B 396 -16.68 2.99 -15.71
CA ALA B 396 -16.02 4.26 -15.50
C ALA B 396 -16.93 5.45 -15.88
N LEU B 397 -17.67 5.33 -16.99
CA LEU B 397 -18.56 6.42 -17.36
C LEU B 397 -19.93 6.29 -16.67
N GLY B 398 -20.45 5.06 -16.57
CA GLY B 398 -21.81 4.88 -16.09
C GLY B 398 -21.99 5.14 -14.60
N SER B 399 -21.05 4.67 -13.76
CA SER B 399 -21.28 4.82 -12.32
C SER B 399 -21.22 6.28 -11.85
N PRO B 400 -20.21 7.10 -12.20
CA PRO B 400 -20.21 8.50 -11.80
C PRO B 400 -21.45 9.22 -12.35
N GLN B 401 -21.83 8.90 -13.60
CA GLN B 401 -23.00 9.48 -14.24
C GLN B 401 -24.24 9.22 -13.38
N LEU B 402 -24.43 7.95 -12.96
CA LEU B 402 -25.59 7.57 -12.19
C LEU B 402 -25.58 8.24 -10.81
N LEU B 403 -24.41 8.37 -10.16
CA LEU B 403 -24.33 9.10 -8.90
C LEU B 403 -24.86 10.53 -9.09
N LEU B 404 -24.31 11.22 -10.10
CA LEU B 404 -24.71 12.60 -10.42
C LEU B 404 -26.22 12.70 -10.64
N LEU B 405 -26.76 11.81 -11.49
CA LEU B 405 -28.18 11.78 -11.80
C LEU B 405 -29.02 11.55 -10.53
N SER B 406 -28.46 10.84 -9.54
CA SER B 406 -29.12 10.48 -8.29
C SER B 406 -29.08 11.62 -7.27
N GLY B 407 -28.26 12.66 -7.54
CA GLY B 407 -28.13 13.77 -6.60
C GLY B 407 -26.94 13.61 -5.66
N ILE B 408 -25.98 12.74 -6.01
CA ILE B 408 -24.76 12.57 -5.25
C ILE B 408 -23.59 13.12 -6.08
N GLY B 409 -23.04 14.25 -5.65
CA GLY B 409 -22.03 14.90 -6.47
C GLY B 409 -21.80 16.34 -6.00
N PRO B 410 -21.01 17.14 -6.76
CA PRO B 410 -20.83 18.55 -6.44
C PRO B 410 -22.13 19.35 -6.63
N SER B 411 -22.55 20.03 -5.56
CA SER B 411 -23.88 20.67 -5.50
C SER B 411 -24.05 21.65 -6.65
N LYS B 412 -23.00 22.40 -6.98
CA LYS B 412 -23.05 23.41 -8.02
C LYS B 412 -23.41 22.77 -9.36
N HIS B 413 -22.79 21.60 -9.67
CA HIS B 413 -23.05 20.95 -10.95
C HIS B 413 -24.49 20.42 -10.95
N LEU B 414 -24.90 19.83 -9.81
CA LEU B 414 -26.24 19.26 -9.70
C LEU B 414 -27.30 20.36 -9.82
N ARG B 415 -27.02 21.54 -9.24
CA ARG B 415 -27.89 22.72 -9.37
C ARG B 415 -28.08 23.10 -10.84
N GLU B 416 -27.00 23.05 -11.64
CA GLU B 416 -27.03 23.39 -13.05
C GLU B 416 -28.03 22.53 -13.80
N PHE B 417 -28.19 21.25 -13.40
CA PHE B 417 -29.12 20.37 -14.10
C PHE B 417 -30.45 20.20 -13.34
N ASN B 418 -30.66 21.01 -12.28
CA ASN B 418 -31.86 20.97 -11.46
C ASN B 418 -32.09 19.57 -10.88
N ILE B 419 -31.00 18.97 -10.37
CA ILE B 419 -31.07 17.66 -9.75
C ILE B 419 -31.12 17.89 -8.26
N PRO B 420 -32.20 17.44 -7.57
CA PRO B 420 -32.30 17.61 -6.11
C PRO B 420 -31.05 17.03 -5.44
N LEU B 421 -30.49 17.78 -4.49
CA LEU B 421 -29.24 17.39 -3.84
C LEU B 421 -29.55 16.34 -2.78
N VAL B 422 -28.89 15.19 -2.87
CA VAL B 422 -28.98 14.19 -1.82
C VAL B 422 -27.73 14.28 -0.92
N LEU B 423 -26.55 14.39 -1.54
CA LEU B 423 -25.29 14.51 -0.80
C LEU B 423 -24.32 15.27 -1.67
N ASP B 424 -23.78 16.36 -1.09
CA ASP B 424 -22.68 17.09 -1.68
C ASP B 424 -21.39 16.27 -1.54
N LEU B 425 -20.99 15.65 -2.66
CA LEU B 425 -19.82 14.79 -2.70
C LEU B 425 -18.97 15.29 -3.85
N PRO B 426 -18.07 16.27 -3.57
CA PRO B 426 -17.45 17.05 -4.63
C PRO B 426 -16.58 16.23 -5.60
N LEU B 427 -16.11 15.05 -5.16
CA LEU B 427 -15.11 14.33 -5.96
C LEU B 427 -15.73 13.34 -6.94
N VAL B 428 -17.08 13.25 -6.97
CA VAL B 428 -17.79 12.42 -7.93
C VAL B 428 -17.50 12.93 -9.34
N GLY B 429 -16.93 12.07 -10.21
CA GLY B 429 -16.61 12.47 -11.58
C GLY B 429 -15.32 13.28 -11.68
N GLN B 430 -14.57 13.41 -10.58
CA GLN B 430 -13.35 14.21 -10.59
C GLN B 430 -12.11 13.33 -10.68
N ARG B 431 -11.03 13.88 -11.26
CA ARG B 431 -9.70 13.29 -11.29
C ARG B 431 -9.71 11.95 -12.04
N ILE B 432 -10.51 11.90 -13.09
CA ILE B 432 -10.62 10.71 -13.95
C ILE B 432 -9.38 10.63 -14.83
N GLN B 433 -9.20 9.49 -15.50
CA GLN B 433 -7.97 9.35 -16.26
C GLN B 433 -8.14 8.35 -17.38
N ASP B 434 -7.45 8.62 -18.50
CA ASP B 434 -7.36 7.63 -19.55
C ASP B 434 -5.87 7.44 -19.87
N ASN B 435 -5.50 6.25 -20.35
CA ASN B 435 -4.10 5.95 -20.62
C ASN B 435 -3.88 6.06 -22.13
N PRO B 436 -3.14 7.08 -22.61
CA PRO B 436 -2.95 7.22 -24.07
C PRO B 436 -1.97 6.20 -24.64
N ILE B 437 -2.21 5.85 -25.90
CA ILE B 437 -1.23 5.11 -26.69
C ILE B 437 -0.70 5.98 -27.84
N ALA B 438 0.50 5.64 -28.32
CA ALA B 438 1.03 6.03 -29.62
C ALA B 438 1.34 4.76 -30.39
N SER B 439 1.28 4.81 -31.74
CA SER B 439 1.39 3.56 -32.48
C SER B 439 1.94 3.79 -33.90
N VAL B 440 2.28 2.65 -34.52
CA VAL B 440 2.42 2.49 -35.97
C VAL B 440 1.42 1.41 -36.41
N THR B 441 0.89 1.55 -37.64
CA THR B 441 -0.16 0.64 -38.11
C THR B 441 0.13 0.28 -39.56
N CYS B 442 -0.25 -0.95 -39.95
CA CYS B 442 -0.23 -1.38 -41.34
C CYS B 442 -1.47 -2.23 -41.61
N LYS B 443 -1.83 -2.39 -42.89
CA LYS B 443 -3.03 -3.12 -43.28
C LYS B 443 -2.68 -4.56 -43.63
N SER B 444 -3.57 -5.49 -43.32
CA SER B 444 -3.32 -6.91 -43.51
C SER B 444 -4.64 -7.60 -43.78
N HIS B 445 -4.57 -8.83 -44.30
CA HIS B 445 -5.79 -9.60 -44.50
C HIS B 445 -5.87 -10.71 -43.46
N HIS B 446 -4.94 -10.70 -42.49
CA HIS B 446 -4.92 -11.72 -41.45
C HIS B 446 -5.21 -11.09 -40.08
N PHE B 447 -5.97 -11.81 -39.28
CA PHE B 447 -6.23 -11.40 -37.90
C PHE B 447 -5.34 -12.22 -36.96
N TYR B 448 -4.54 -11.53 -36.15
CA TYR B 448 -3.75 -12.21 -35.14
C TYR B 448 -4.15 -11.67 -33.75
N TYR B 449 -4.83 -12.51 -32.99
CA TYR B 449 -5.35 -12.15 -31.67
C TYR B 449 -4.16 -11.90 -30.73
N GLN B 450 -4.37 -11.11 -29.67
CA GLN B 450 -3.27 -10.70 -28.81
C GLN B 450 -2.81 -11.82 -27.89
N GLN B 451 -1.47 -12.03 -27.91
CA GLN B 451 -0.83 -13.09 -27.13
C GLN B 451 0.37 -12.52 -26.38
N ILE B 452 0.97 -11.42 -26.88
CA ILE B 452 2.29 -10.97 -26.43
C ILE B 452 2.19 -9.57 -25.82
N VAL B 453 2.90 -9.34 -24.70
CA VAL B 453 3.07 -7.96 -24.24
C VAL B 453 4.50 -7.75 -23.78
N GLY B 454 5.03 -6.55 -24.07
CA GLY B 454 6.29 -6.10 -23.53
C GLY B 454 6.04 -5.07 -22.44
N ILE B 455 6.58 -5.34 -21.26
CA ILE B 455 6.52 -4.42 -20.12
C ILE B 455 7.89 -3.81 -19.88
N THR B 456 8.07 -2.50 -20.12
CA THR B 456 9.39 -1.87 -19.94
C THR B 456 9.71 -1.75 -18.45
N GLN B 457 10.97 -1.46 -18.12
CA GLN B 457 11.45 -1.51 -16.75
C GLN B 457 10.61 -0.61 -15.84
N PHE B 458 10.28 -1.13 -14.65
CA PHE B 458 9.44 -0.45 -13.67
C PHE B 458 8.07 -0.07 -14.23
N SER B 459 7.58 -0.85 -15.20
CA SER B 459 6.24 -0.69 -15.77
C SER B 459 6.02 0.73 -16.28
N GLN B 460 6.97 1.30 -17.05
CA GLN B 460 6.71 2.67 -17.56
C GLN B 460 5.79 2.65 -18.79
N ASN B 461 6.07 1.70 -19.71
CA ASN B 461 5.30 1.60 -20.95
C ASN B 461 4.95 0.14 -21.21
N TYR B 462 3.78 -0.10 -21.85
CA TYR B 462 3.37 -1.45 -22.26
C TYR B 462 3.27 -1.49 -23.78
N ILE B 463 3.97 -2.45 -24.39
CA ILE B 463 4.01 -2.58 -25.84
C ILE B 463 3.16 -3.77 -26.22
N GLU B 464 2.14 -3.53 -27.09
CA GLU B 464 1.34 -4.66 -27.56
C GLU B 464 1.13 -4.56 -29.08
N PRO B 465 0.75 -5.67 -29.76
CA PRO B 465 0.66 -5.69 -31.22
C PRO B 465 -0.71 -6.13 -31.74
N PRO B 466 -1.77 -5.30 -31.54
CA PRO B 466 -3.14 -5.72 -31.83
C PRO B 466 -3.42 -5.89 -33.32
N SER B 467 -4.40 -6.76 -33.63
CA SER B 467 -5.13 -6.75 -34.89
C SER B 467 -6.55 -6.24 -34.60
N ILE B 468 -7.13 -5.48 -35.54
CA ILE B 468 -8.52 -5.06 -35.38
C ILE B 468 -9.20 -5.03 -36.75
N PHE B 469 -10.47 -5.42 -36.79
CA PHE B 469 -11.28 -5.45 -37.99
C PHE B 469 -11.50 -4.02 -38.48
N VAL B 470 -11.33 -3.81 -39.79
CA VAL B 470 -11.46 -2.49 -40.38
C VAL B 470 -12.53 -2.51 -41.47
N ASN B 471 -12.75 -3.66 -42.12
CA ASN B 471 -13.69 -3.74 -43.24
C ASN B 471 -13.88 -5.20 -43.61
N GLY B 472 -15.10 -5.54 -44.02
CA GLY B 472 -15.43 -6.84 -44.58
C GLY B 472 -15.24 -6.83 -46.09
N ARG B 479 -11.51 -12.59 -47.74
CA ARG B 479 -11.09 -12.34 -46.34
C ARG B 479 -11.19 -10.85 -46.03
N ASN B 480 -11.37 -10.53 -44.73
CA ASN B 480 -11.56 -9.16 -44.26
C ASN B 480 -10.25 -8.38 -44.29
N GLU B 481 -10.36 -7.07 -44.12
CA GLU B 481 -9.22 -6.20 -43.93
C GLU B 481 -9.07 -5.90 -42.43
N TYR B 482 -7.82 -5.95 -41.95
CA TYR B 482 -7.49 -5.71 -40.55
C TYR B 482 -6.38 -4.67 -40.49
N ASN B 483 -6.38 -3.89 -39.41
CA ASN B 483 -5.24 -3.06 -39.11
C ASN B 483 -4.41 -3.80 -38.07
N ILE B 484 -3.11 -3.97 -38.35
CA ILE B 484 -2.17 -4.51 -37.38
C ILE B 484 -1.34 -3.33 -36.89
N SER B 485 -1.15 -3.27 -35.57
CA SER B 485 -0.45 -2.12 -35.05
C SER B 485 0.55 -2.60 -34.00
N ILE B 486 1.54 -1.75 -33.76
CA ILE B 486 2.32 -1.88 -32.55
C ILE B 486 2.10 -0.60 -31.79
N PHE B 487 1.64 -0.70 -30.53
CA PHE B 487 1.40 0.50 -29.75
C PHE B 487 2.27 0.48 -28.51
N GLU B 488 2.52 1.67 -27.97
CA GLU B 488 3.02 1.84 -26.62
C GLU B 488 1.92 2.50 -25.78
N LYS B 489 1.65 1.96 -24.58
CA LYS B 489 0.70 2.54 -23.66
C LYS B 489 1.46 3.18 -22.51
N LEU B 490 1.06 4.41 -22.15
CA LEU B 490 1.58 5.06 -20.96
C LEU B 490 0.93 4.42 -19.74
N ALA B 491 1.73 3.69 -18.94
CA ALA B 491 1.19 2.81 -17.92
C ALA B 491 0.58 3.59 -16.75
N PHE B 492 1.25 4.67 -16.29
CA PHE B 492 0.85 5.41 -15.09
C PHE B 492 0.95 6.90 -15.39
N PRO B 493 -0.06 7.45 -16.10
CA PRO B 493 -0.07 8.88 -16.44
C PRO B 493 -0.23 9.71 -15.16
N LEU B 494 0.31 10.93 -15.18
CA LEU B 494 0.02 11.93 -14.14
C LEU B 494 -1.19 12.80 -14.52
N SER B 495 -1.53 12.90 -15.81
CA SER B 495 -2.63 13.78 -16.24
C SER B 495 -3.99 13.21 -15.85
N ARG B 496 -4.90 14.12 -15.46
CA ARG B 496 -6.25 13.79 -15.03
C ARG B 496 -7.21 14.87 -15.53
N GLY B 497 -8.51 14.52 -15.54
CA GLY B 497 -9.55 15.47 -15.90
C GLY B 497 -10.85 15.18 -15.13
N GLU B 498 -12.00 15.31 -15.79
CA GLU B 498 -13.28 15.23 -15.10
C GLU B 498 -14.40 14.75 -16.04
N LEU B 499 -15.43 14.15 -15.40
CA LEU B 499 -16.65 13.70 -16.03
C LEU B 499 -17.77 14.61 -15.54
N ARG B 500 -18.70 14.96 -16.44
CA ARG B 500 -19.81 15.84 -16.11
C ARG B 500 -21.05 15.37 -16.86
N LEU B 501 -22.23 15.69 -16.33
CA LEU B 501 -23.44 15.42 -17.09
C LEU B 501 -23.49 16.38 -18.28
N ARG B 502 -24.04 15.90 -19.38
CA ARG B 502 -24.46 16.73 -20.49
C ARG B 502 -25.99 16.88 -20.52
N SER B 503 -26.70 15.90 -19.95
CA SER B 503 -28.16 15.93 -19.90
C SER B 503 -28.67 15.06 -18.74
N ARG B 504 -29.98 15.06 -18.52
CA ARG B 504 -30.61 14.21 -17.51
C ARG B 504 -31.04 12.88 -18.09
N ASP B 505 -30.84 12.67 -19.41
CA ASP B 505 -31.26 11.42 -20.03
C ASP B 505 -30.18 10.38 -19.73
N PRO B 506 -30.56 9.27 -19.05
CA PRO B 506 -29.61 8.25 -18.61
C PRO B 506 -29.00 7.47 -19.77
N ARG B 507 -29.61 7.60 -20.96
CA ARG B 507 -29.13 6.91 -22.15
C ARG B 507 -27.96 7.66 -22.81
N ASP B 508 -27.83 8.96 -22.51
CA ASP B 508 -26.79 9.78 -23.13
C ASP B 508 -25.42 9.50 -22.51
N ASN B 509 -24.35 9.85 -23.23
CA ASN B 509 -23.01 9.81 -22.65
C ASN B 509 -22.84 11.03 -21.74
N PRO B 510 -22.06 10.93 -20.63
CA PRO B 510 -21.59 12.10 -19.91
C PRO B 510 -20.47 12.70 -20.77
N SER B 511 -20.03 13.92 -20.43
CA SER B 511 -18.82 14.40 -21.05
C SER B 511 -17.63 13.89 -20.22
N VAL B 512 -16.54 13.58 -20.93
CA VAL B 512 -15.31 13.23 -20.25
C VAL B 512 -14.19 14.05 -20.87
N ARG B 513 -13.31 14.60 -20.03
CA ARG B 513 -12.10 15.27 -20.49
C ARG B 513 -10.92 14.62 -19.76
N TYR B 514 -9.87 14.22 -20.53
CA TYR B 514 -8.74 13.50 -19.95
C TYR B 514 -7.46 14.32 -19.84
N ASN B 515 -7.36 15.47 -20.55
CA ASN B 515 -6.17 16.32 -20.50
C ASN B 515 -4.89 15.52 -20.83
N TYR B 516 -4.96 14.76 -21.93
CA TYR B 516 -3.86 13.89 -22.30
C TYR B 516 -2.60 14.73 -22.46
N TYR B 517 -1.50 14.24 -21.85
CA TYR B 517 -0.17 14.84 -21.96
C TYR B 517 -0.16 16.29 -21.44
N SER B 518 -1.06 16.66 -20.51
CA SER B 518 -0.97 17.98 -19.91
C SER B 518 0.20 18.05 -18.94
N HIS B 519 0.52 16.92 -18.29
CA HIS B 519 1.74 16.84 -17.49
C HIS B 519 2.89 16.48 -18.42
N PRO B 520 3.98 17.29 -18.50
CA PRO B 520 5.08 17.02 -19.45
C PRO B 520 5.79 15.69 -19.24
N LEU B 521 5.78 15.17 -18.01
CA LEU B 521 6.34 13.84 -17.75
C LEU B 521 5.63 12.80 -18.60
N ASP B 522 4.31 12.96 -18.80
CA ASP B 522 3.54 12.00 -19.57
C ASP B 522 4.03 11.99 -21.02
N PHE B 523 4.27 13.18 -21.59
CA PHE B 523 4.65 13.27 -22.99
C PHE B 523 6.06 12.69 -23.19
N GLU B 524 6.96 13.00 -22.26
CA GLU B 524 8.31 12.44 -22.30
C GLU B 524 8.30 10.91 -22.24
N ARG B 525 7.41 10.36 -21.39
CA ARG B 525 7.30 8.91 -21.24
C ARG B 525 6.70 8.31 -22.52
N CYS B 526 5.82 9.05 -23.20
CA CYS B 526 5.32 8.59 -24.49
C CYS B 526 6.50 8.45 -25.48
N VAL B 527 7.39 9.45 -25.53
CA VAL B 527 8.50 9.44 -26.46
C VAL B 527 9.40 8.22 -26.18
N GLN B 528 9.64 7.96 -24.89
CA GLN B 528 10.42 6.83 -24.43
C GLN B 528 9.80 5.53 -24.95
N GLY B 529 8.47 5.45 -24.92
CA GLY B 529 7.75 4.29 -25.43
C GLY B 529 7.87 4.13 -26.93
N VAL B 530 7.75 5.25 -27.66
CA VAL B 530 7.84 5.16 -29.12
C VAL B 530 9.26 4.75 -29.52
N ARG B 531 10.26 5.20 -28.76
CA ARG B 531 11.63 4.74 -28.98
C ARG B 531 11.75 3.22 -28.94
N VAL B 532 10.99 2.55 -28.04
CA VAL B 532 10.93 1.10 -27.99
C VAL B 532 10.29 0.51 -29.26
N ILE B 533 9.19 1.11 -29.73
CA ILE B 533 8.58 0.67 -30.97
C ILE B 533 9.60 0.73 -32.11
N ALA B 534 10.35 1.84 -32.19
CA ALA B 534 11.32 2.04 -33.26
C ALA B 534 12.40 0.95 -33.20
N GLN B 535 12.88 0.64 -31.99
CA GLN B 535 13.87 -0.42 -31.80
C GLN B 535 13.27 -1.74 -32.25
N LEU B 536 12.02 -2.01 -31.82
CA LEU B 536 11.34 -3.26 -32.17
C LEU B 536 11.27 -3.45 -33.70
N LEU B 537 10.88 -2.38 -34.42
CA LEU B 537 10.69 -2.49 -35.87
C LEU B 537 12.02 -2.81 -36.55
N ASN B 538 13.12 -2.35 -35.95
CA ASN B 538 14.46 -2.48 -36.49
C ASN B 538 15.07 -3.86 -36.18
N THR B 539 14.44 -4.66 -35.32
CA THR B 539 15.06 -5.91 -34.89
C THR B 539 15.17 -6.88 -36.07
N PRO B 540 16.20 -7.78 -36.10
CA PRO B 540 16.26 -8.85 -37.09
C PRO B 540 14.98 -9.67 -37.16
N SER B 541 14.40 -9.96 -36.00
CA SER B 541 13.22 -10.82 -35.91
C SER B 541 12.01 -10.17 -36.58
N LEU B 542 11.77 -8.86 -36.37
CA LEU B 542 10.64 -8.20 -37.03
C LEU B 542 10.90 -8.09 -38.54
N ARG B 543 12.15 -7.78 -38.91
CA ARG B 543 12.48 -7.58 -40.32
C ARG B 543 12.28 -8.89 -41.09
N ARG B 544 12.55 -10.04 -40.46
CA ARG B 544 12.47 -11.34 -41.09
C ARG B 544 11.02 -11.80 -41.24
N SER B 545 10.11 -11.34 -40.35
CA SER B 545 8.78 -11.91 -40.24
C SER B 545 7.98 -11.78 -41.53
N ASN B 546 7.49 -12.92 -42.05
CA ASN B 546 6.54 -12.94 -43.17
C ASN B 546 5.17 -12.38 -42.76
N ALA B 547 4.83 -12.40 -41.46
CA ALA B 547 3.50 -12.01 -41.00
C ALA B 547 3.41 -10.50 -40.82
N SER B 548 4.55 -9.83 -40.60
CA SER B 548 4.56 -8.40 -40.38
C SER B 548 4.21 -7.64 -41.66
N CYS B 549 3.44 -6.54 -41.54
CA CYS B 549 3.19 -5.66 -42.67
C CYS B 549 4.05 -4.38 -42.58
N PHE B 550 5.10 -4.38 -41.74
CA PHE B 550 5.83 -3.14 -41.47
C PHE B 550 7.08 -2.95 -42.33
N HIS B 551 7.39 -3.90 -43.22
CA HIS B 551 8.60 -3.86 -44.03
C HIS B 551 8.77 -2.52 -44.74
N GLY B 552 9.90 -1.86 -44.48
CA GLY B 552 10.11 -0.47 -44.83
C GLY B 552 10.45 0.32 -43.59
N SER B 558 16.32 7.56 -32.20
CA SER B 558 17.44 8.49 -32.52
C SER B 558 16.93 9.90 -32.84
N ASP B 559 15.98 10.01 -33.77
CA ASP B 559 15.34 11.27 -34.12
C ASP B 559 14.19 11.55 -33.14
N ASP B 560 14.49 12.28 -32.06
CA ASP B 560 13.54 12.58 -31.00
C ASP B 560 12.30 13.29 -31.55
N ALA B 561 12.53 14.25 -32.45
CA ALA B 561 11.48 15.05 -33.04
C ALA B 561 10.45 14.16 -33.72
N ALA B 562 10.91 13.15 -34.46
CA ALA B 562 10.01 12.22 -35.14
C ALA B 562 9.23 11.37 -34.13
N MET B 563 9.83 11.02 -32.99
CA MET B 563 9.11 10.23 -31.98
C MET B 563 8.02 11.09 -31.35
N ALA B 564 8.37 12.35 -31.04
CA ALA B 564 7.42 13.27 -30.44
C ALA B 564 6.24 13.46 -31.38
N GLN B 565 6.55 13.47 -32.67
CA GLN B 565 5.55 13.67 -33.71
C GLN B 565 4.60 12.48 -33.72
N ILE B 566 5.12 11.25 -33.56
CA ILE B 566 4.27 10.07 -33.53
C ILE B 566 3.31 10.16 -32.34
N CYS B 567 3.84 10.58 -31.19
CA CYS B 567 3.03 10.76 -29.99
C CYS B 567 1.82 11.67 -30.26
N ARG B 568 2.08 12.82 -30.92
CA ARG B 568 1.03 13.79 -31.22
C ARG B 568 0.07 13.22 -32.26
N ASP B 569 0.59 12.68 -33.36
CA ASP B 569 -0.19 12.29 -34.52
C ASP B 569 -1.03 11.05 -34.28
N THR B 570 -0.64 10.19 -33.32
CA THR B 570 -1.38 8.94 -33.19
C THR B 570 -2.09 8.85 -31.83
N LEU B 571 -2.11 9.94 -31.06
CA LEU B 571 -2.75 9.95 -29.74
C LEU B 571 -4.10 9.27 -29.85
N SER B 572 -4.30 8.17 -29.09
CA SER B 572 -5.56 7.45 -29.11
C SER B 572 -5.82 6.86 -27.73
N THR B 573 -7.07 6.44 -27.52
CA THR B 573 -7.42 5.66 -26.33
C THR B 573 -7.03 4.22 -26.63
N VAL B 574 -6.86 3.43 -25.56
CA VAL B 574 -6.93 2.00 -25.73
C VAL B 574 -8.01 1.46 -24.79
N TRP B 575 -8.97 2.36 -24.42
CA TRP B 575 -10.17 2.00 -23.70
C TRP B 575 -9.89 1.53 -22.26
N HIS B 576 -8.85 2.08 -21.62
CA HIS B 576 -8.53 1.80 -20.20
C HIS B 576 -8.95 2.93 -19.27
N TYR B 577 -9.81 3.83 -19.78
CA TYR B 577 -10.32 4.97 -19.01
C TYR B 577 -10.89 4.48 -17.67
N HIS B 578 -10.66 5.24 -16.61
CA HIS B 578 -11.02 4.82 -15.27
C HIS B 578 -11.18 6.05 -14.37
N GLY B 579 -11.56 5.79 -13.10
CA GLY B 579 -11.76 6.81 -12.09
C GLY B 579 -13.17 7.42 -12.13
N GLY B 580 -13.37 8.39 -11.22
CA GLY B 580 -14.63 9.11 -11.11
C GLY B 580 -15.40 8.72 -9.84
N CYS B 581 -15.16 7.52 -9.31
CA CYS B 581 -15.67 7.13 -8.00
C CYS B 581 -14.54 6.50 -7.19
N GLU B 582 -13.43 7.23 -7.10
CA GLU B 582 -12.15 6.65 -6.69
C GLU B 582 -12.13 6.27 -5.21
N VAL B 583 -11.51 5.12 -4.92
CA VAL B 583 -11.22 4.71 -3.55
C VAL B 583 -10.42 5.85 -2.89
N GLY B 584 -10.92 6.33 -1.74
CA GLY B 584 -10.31 7.38 -0.95
C GLY B 584 -10.76 8.78 -1.35
N TYR B 585 -11.62 8.89 -2.37
CA TYR B 585 -12.24 10.15 -2.77
C TYR B 585 -13.77 10.06 -2.66
N VAL B 586 -14.35 8.98 -3.22
CA VAL B 586 -15.80 8.82 -3.30
C VAL B 586 -16.23 7.58 -2.52
N VAL B 587 -15.39 6.54 -2.55
CA VAL B 587 -15.70 5.32 -1.84
C VAL B 587 -14.55 5.01 -0.89
N ASN B 588 -14.82 4.14 0.09
CA ASN B 588 -13.78 3.66 0.98
C ASN B 588 -13.21 2.34 0.44
N GLU B 589 -12.37 1.66 1.25
CA GLU B 589 -11.73 0.43 0.81
C GLU B 589 -12.70 -0.76 0.80
N ARG B 590 -13.90 -0.60 1.34
CA ARG B 590 -14.94 -1.62 1.24
C ARG B 590 -15.92 -1.22 0.12
N TYR B 591 -15.57 -0.19 -0.65
CA TYR B 591 -16.32 0.22 -1.85
C TYR B 591 -17.63 0.92 -1.48
N GLN B 592 -17.77 1.36 -0.22
CA GLN B 592 -18.98 2.04 0.23
C GLN B 592 -18.85 3.51 -0.10
N VAL B 593 -19.91 4.10 -0.67
CA VAL B 593 -19.92 5.51 -1.03
C VAL B 593 -19.86 6.32 0.26
N ASN B 594 -18.90 7.28 0.33
CA ASN B 594 -18.68 8.07 1.53
C ASN B 594 -19.96 8.84 1.87
N GLY B 595 -20.46 8.69 3.11
CA GLY B 595 -21.58 9.52 3.58
C GLY B 595 -22.97 8.98 3.20
N VAL B 596 -23.02 7.77 2.61
CA VAL B 596 -24.28 7.16 2.18
C VAL B 596 -24.29 5.72 2.71
N ASP B 597 -25.46 5.28 3.19
CA ASP B 597 -25.66 3.89 3.60
C ASP B 597 -26.20 3.04 2.44
N ASN B 598 -25.78 1.75 2.43
CA ASN B 598 -26.34 0.69 1.59
C ASN B 598 -26.10 0.96 0.10
N LEU B 599 -24.99 1.66 -0.19
CA LEU B 599 -24.61 1.98 -1.57
C LEU B 599 -23.11 1.75 -1.77
N ARG B 600 -22.79 0.88 -2.74
CA ARG B 600 -21.40 0.60 -3.10
C ARG B 600 -21.21 0.79 -4.59
N ILE B 601 -19.94 0.93 -4.98
CA ILE B 601 -19.53 1.00 -6.38
C ILE B 601 -18.29 0.11 -6.52
N VAL B 602 -18.35 -0.86 -7.45
CA VAL B 602 -17.32 -1.87 -7.64
C VAL B 602 -17.07 -2.03 -9.13
N ASP B 603 -16.19 -1.23 -9.70
CA ASP B 603 -15.92 -1.26 -11.14
C ASP B 603 -14.73 -0.33 -11.42
N GLY B 604 -14.47 -0.08 -12.71
CA GLY B 604 -13.34 0.73 -13.13
C GLY B 604 -13.43 2.22 -12.72
N SER B 605 -14.61 2.69 -12.28
CA SER B 605 -14.68 4.06 -11.80
C SER B 605 -13.93 4.21 -10.47
N THR B 606 -13.65 3.10 -9.79
CA THR B 606 -13.03 3.15 -8.46
C THR B 606 -11.51 3.24 -8.55
N TYR B 607 -10.94 2.95 -9.74
CA TYR B 607 -9.48 2.86 -9.88
C TYR B 607 -8.83 4.24 -10.03
N ARG B 608 -7.72 4.41 -9.32
CA ARG B 608 -6.82 5.53 -9.53
C ARG B 608 -5.87 5.22 -10.69
N ASP B 609 -5.38 3.97 -10.74
CA ASP B 609 -4.50 3.50 -11.80
C ASP B 609 -5.16 2.32 -12.50
N SER B 610 -4.90 2.16 -13.82
CA SER B 610 -5.47 1.06 -14.56
C SER B 610 -4.66 -0.21 -14.20
N PRO B 611 -5.32 -1.29 -13.75
CA PRO B 611 -4.57 -2.46 -13.29
C PRO B 611 -4.04 -3.32 -14.43
N GLY B 612 -2.82 -3.81 -14.27
CA GLY B 612 -2.23 -4.74 -15.24
C GLY B 612 -1.91 -4.02 -16.56
N THR B 613 -1.53 -4.80 -17.59
CA THR B 613 -1.29 -4.18 -18.90
C THR B 613 -2.62 -3.78 -19.52
N ASN B 614 -3.66 -4.54 -19.17
CA ASN B 614 -5.00 -4.42 -19.69
C ASN B 614 -5.89 -4.83 -18.52
N PRO B 615 -6.99 -4.08 -18.25
CA PRO B 615 -7.66 -4.20 -16.95
C PRO B 615 -8.77 -5.23 -16.76
N GLN B 616 -9.19 -5.93 -17.82
CA GLN B 616 -10.35 -6.80 -17.66
C GLN B 616 -10.12 -7.91 -16.64
N ALA B 617 -8.88 -8.44 -16.53
CA ALA B 617 -8.66 -9.56 -15.63
C ALA B 617 -8.96 -9.10 -14.21
N THR B 618 -8.40 -7.93 -13.83
CA THR B 618 -8.55 -7.41 -12.48
C THR B 618 -10.00 -6.99 -12.22
N THR B 619 -10.71 -6.44 -13.22
CA THR B 619 -12.09 -6.01 -13.01
C THR B 619 -13.02 -7.22 -12.74
N MET B 620 -12.89 -8.30 -13.52
CA MET B 620 -13.69 -9.50 -13.26
C MET B 620 -13.32 -10.09 -11.90
N MET B 621 -12.00 -10.10 -11.64
CA MET B 621 -11.50 -10.58 -10.35
C MET B 621 -12.16 -9.81 -9.20
N LEU B 622 -12.20 -8.48 -9.34
CA LEU B 622 -12.66 -7.60 -8.26
C LEU B 622 -14.14 -7.86 -7.98
N GLY B 623 -14.95 -8.07 -9.03
CA GLY B 623 -16.35 -8.43 -8.82
C GLY B 623 -16.49 -9.69 -7.96
N ARG B 624 -15.74 -10.74 -8.34
CA ARG B 624 -15.73 -12.00 -7.58
C ARG B 624 -15.27 -11.73 -6.15
N TYR B 625 -14.13 -11.03 -6.01
CA TYR B 625 -13.53 -10.70 -4.72
C TYR B 625 -14.51 -10.01 -3.77
N MET B 626 -15.16 -8.95 -4.27
CA MET B 626 -16.10 -8.20 -3.44
C MET B 626 -17.36 -9.02 -3.16
N GLY B 627 -17.78 -9.89 -4.09
CA GLY B 627 -18.84 -10.86 -3.80
C GLY B 627 -18.50 -11.67 -2.54
N VAL B 628 -17.28 -12.23 -2.55
CA VAL B 628 -16.84 -13.07 -1.44
C VAL B 628 -16.72 -12.24 -0.15
N LYS B 629 -16.14 -11.04 -0.22
CA LYS B 629 -15.97 -10.20 0.96
C LYS B 629 -17.32 -9.86 1.60
N ILE B 630 -18.29 -9.51 0.75
CA ILE B 630 -19.63 -9.14 1.25
C ILE B 630 -20.28 -10.35 1.94
N LEU B 631 -20.15 -11.53 1.33
CA LEU B 631 -20.68 -12.76 1.92
C LEU B 631 -20.01 -13.03 3.27
N GLN B 632 -18.68 -12.83 3.34
CA GLN B 632 -17.87 -13.10 4.52
C GLN B 632 -18.19 -12.17 5.68
N GLU B 633 -18.57 -10.92 5.41
CA GLU B 633 -18.83 -10.02 6.53
C GLU B 633 -20.13 -10.40 7.25
N GLN B 634 -20.85 -11.40 6.73
CA GLN B 634 -22.09 -11.93 7.27
C GLN B 634 -21.83 -13.38 7.73
N ALA B 635 -20.78 -13.56 8.54
CA ALA B 635 -20.42 -14.86 9.11
C ALA B 635 -20.15 -14.72 10.61
#